data_6B3J
#
_entry.id   6B3J
#
_cell.length_a   1
_cell.length_b   1
_cell.length_c   1
_cell.angle_alpha   90.00
_cell.angle_beta   90.00
_cell.angle_gamma   90.00
#
_symmetry.space_group_name_H-M   'P 1'
#
loop_
_entity.id
_entity.type
_entity.pdbx_description
1 polymer 'Glucagon-like peptide 1 receptor'
2 polymer Exendin-P5
3 polymer 'Guanine nucleotide-binding protein G(s) subunit alpha isoforms short'
4 polymer 'Guanine nucleotide-binding protein G(I)/G(S)/G(T) subunit beta-1'
5 polymer 'Guanine nucleotide-binding protein G(I)/G(S)/G(O) subunit gamma-2'
6 polymer 'Nanobody 35'
#
loop_
_entity_poly.entity_id
_entity_poly.type
_entity_poly.pdbx_seq_one_letter_code
_entity_poly.pdbx_strand_id
1 'polypeptide(L)'
;MKTIIALSYIFCLVFADYKDDDDLEVLFQGPARPQGATVSLWETVQKWREYRRQCQRSLTEDPPPATDLFCNRTFDEYAC
WPDGEPGSFVNVSCPWYLPWASSVPQGHVYRFCTAEGLWLQKDNSSLPWRDLSECEESKRGERSSPEEQLLFLYIIYTVG
YALSFSALVIASAILLGFRHLHCTRNYIHLNLFASFILRALSVFIKDAALKWMYSTAAQQHQWDGLLSYQDSLSCRLVFL
LMQYCVAANYYWLLVEGVYLYTLLAFSVFSEQWIFRLYVSIGWGVPLLFVVPWGIVKYLYEDEGCWTRNSNMNYWLIIRL
PILFAIGVNFLIFVRVICIVVSKLKANLMCKTDIKCRLAKSTLTLIPLLGTHEVIFAFVMDEHARGTLRFIKLFTELSFT
SFQGLMVAILYCFVNNEVQLEFRKSWERWRLEHLHIQRDSSMKPLKCPTSSLSSGATAGSSMYTATCQASCSPAGLEVLF
QGPHHHHHHHH
;
R
2 'polypeptide(L)' ELVDNAVGGDLSKQMEEEAVRLFIEWLKNGGPSSGAPPPS P
3 'polypeptide(L)'
;MGCLGNSKTEDQRNEEKAQREANKKIEKQLQKDKQVYRATHRLLLLGAGESGKNTIVKQMRILHVNGFNGEGGEEDPQAA
RSNSDGEKATKVQDIKNNLKEAIETIVAAMSNLVPPVELANPENQFRVDYILSVMNVPDFDFPPEFYEHAKALWEDEGVR
ACYERSNEYQLIDCAQYFLDKIDVIKQADYVPSDQDLLRCRVLTSGIFETKFQVDKVNFHMFDVGAQRDERRKWIQCFND
VTAIIFVVASSSYNMVIREDNQTNRLQAALKLFDSIWNNKWLRDTSVILFLNKQDLLAEKVLAGKSKIEDYFPEFARYTT
PEDATPEPGEDPRVTRAKYFIRDEFLRISTASGDGRHYCYPHFTCAVDTENIRRVFNDCRDIIQRMHLRQYELL
;
A
4 'polypeptide(L)'
;MHHHHHHGSSGSELDQLRQEAEQLKNQIRDARKACADATLSQITNNIDPVGRIQMRTRRTLRGHLAKIYAMHWGTDSRLL
VSASQDGKLIIWDSYTTNKVHAIPLRSSWVMTCAYAPSGNYVACGGLDNICSIYNLKTREGNVRVSRELAGHTGYLSCCR
FLDDNQIVTSSGDTTCALWDIETGQQTTTFTGHTGDVMSLSLAPDTRLFVSGACDASAKLWDVREGMCRQTFTGHESDIN
AICFFPNGNAFATGSDDATCRLFDLRADQELMTYSHDNIICGITSVSFSKSGRLLLAGYDDFNCNVWDALKADRAGVLAG
HDNRVSCLGVTDDGMAVATGSWDSFLKIWN
;
B
5 'polypeptide(L)' MASNNTASIAQARKLVEQLKMEANIDRIKVSKAAADLMAYCEAHAKEDPLLTPVPASENPFREKKFFCAIL G
6 'polypeptide(L)'
;QVQLQESGGGLVQPGGSLRLSCAASGFTFSNYKMNWVRQAPGKGLEWVSDISQSGASISYTGSVKGRFTISRDNAKNTLY
LQMNSLKPEDTAVYYCARCPAPFTRDCFDVTSTTYAYRGQGTQVTVSSHHHHHHEPEA
;
N
#
# COMPACT_ATOMS: atom_id res chain seq x y z
N VAL A 39 21.55 54.29 -13.89
CA VAL A 39 22.79 53.51 -13.87
C VAL A 39 22.64 52.26 -14.72
N SER A 40 23.50 52.16 -15.73
CA SER A 40 23.54 50.98 -16.59
C SER A 40 24.92 50.88 -17.21
N LEU A 41 25.52 49.70 -17.10
CA LEU A 41 26.84 49.47 -17.70
C LEU A 41 26.79 49.62 -19.22
N TRP A 42 25.74 49.07 -19.84
CA TRP A 42 25.54 49.16 -21.28
C TRP A 42 25.50 50.61 -21.74
N GLU A 43 24.61 51.41 -21.14
CA GLU A 43 24.55 52.84 -21.41
C GLU A 43 25.87 53.55 -21.17
N THR A 44 26.60 53.18 -20.11
CA THR A 44 27.86 53.84 -19.81
C THR A 44 28.92 53.54 -20.87
N VAL A 45 29.01 52.29 -21.31
CA VAL A 45 29.93 51.92 -22.39
C VAL A 45 29.60 52.67 -23.69
N GLN A 46 28.31 52.73 -24.04
CA GLN A 46 27.93 53.44 -25.27
C GLN A 46 28.22 54.94 -25.18
N LYS A 47 27.96 55.54 -24.03
CA LYS A 47 28.30 56.94 -23.81
C LYS A 47 29.79 57.21 -23.88
N TRP A 48 30.60 56.33 -23.26
CA TRP A 48 32.05 56.47 -23.32
C TRP A 48 32.59 56.39 -24.74
N ARG A 49 32.11 55.40 -25.51
CA ARG A 49 32.56 55.28 -26.90
C ARG A 49 32.17 56.50 -27.75
N GLU A 50 30.96 57.03 -27.55
CA GLU A 50 30.56 58.24 -28.25
C GLU A 50 31.41 59.44 -27.84
N TYR A 51 31.67 59.59 -26.53
CA TYR A 51 32.53 60.65 -26.03
C TYR A 51 33.94 60.56 -26.61
N ARG A 52 34.45 59.33 -26.75
CA ARG A 52 35.75 59.11 -27.35
C ARG A 52 35.77 59.55 -28.81
N ARG A 53 34.70 59.20 -29.56
CA ARG A 53 34.57 59.62 -30.96
C ARG A 53 34.54 61.15 -31.11
N GLN A 54 33.68 61.81 -30.33
CA GLN A 54 33.63 63.28 -30.31
C GLN A 54 34.99 63.90 -29.98
N CYS A 55 35.71 63.30 -29.02
CA CYS A 55 37.04 63.78 -28.69
C CYS A 55 37.96 63.68 -29.91
N GLN A 56 37.88 62.55 -30.61
CA GLN A 56 38.70 62.35 -31.81
C GLN A 56 38.37 63.42 -32.85
N ARG A 57 37.10 63.80 -32.95
CA ARG A 57 36.68 64.87 -33.85
C ARG A 57 37.34 66.18 -33.48
N SER A 58 37.32 66.52 -32.19
CA SER A 58 38.02 67.70 -31.68
C SER A 58 39.51 67.64 -32.03
N LEU A 59 40.14 66.46 -31.86
CA LEU A 59 41.54 66.24 -32.19
C LEU A 59 41.80 66.49 -33.67
N THR A 60 40.82 66.13 -34.52
CA THR A 60 40.98 66.27 -35.96
C THR A 60 40.91 67.73 -36.35
N GLU A 61 39.93 68.47 -35.84
CA GLU A 61 39.67 69.81 -36.37
C GLU A 61 40.38 70.93 -35.62
N ASP A 62 41.02 70.66 -34.47
CA ASP A 62 41.75 71.71 -33.77
C ASP A 62 43.00 72.13 -34.54
N PRO A 63 43.24 73.43 -34.69
CA PRO A 63 44.41 73.92 -35.43
C PRO A 63 45.71 73.67 -34.68
N PRO A 64 46.88 73.89 -35.30
CA PRO A 64 48.13 73.75 -34.56
C PRO A 64 48.29 74.82 -33.50
N PRO A 65 48.84 74.47 -32.32
CA PRO A 65 49.11 75.47 -31.27
C PRO A 65 50.28 76.39 -31.58
N ALA A 66 50.72 77.12 -30.55
CA ALA A 66 51.45 78.37 -30.75
C ALA A 66 52.91 78.24 -31.17
N THR A 67 53.15 77.54 -32.30
CA THR A 67 54.20 77.83 -33.29
C THR A 67 55.61 77.85 -32.68
N ASP A 68 56.15 76.66 -32.38
CA ASP A 68 55.59 75.33 -32.62
C ASP A 68 55.92 74.45 -31.42
N LEU A 69 56.30 75.09 -30.33
CA LEU A 69 56.66 74.41 -29.09
C LEU A 69 55.48 74.49 -28.12
N PHE A 70 54.93 73.32 -27.79
CA PHE A 70 53.73 73.19 -26.98
C PHE A 70 53.65 71.76 -26.50
N CYS A 71 53.10 71.56 -25.30
CA CYS A 71 52.72 70.21 -24.91
C CYS A 71 51.55 69.76 -25.76
N ASN A 72 51.64 68.53 -26.24
CA ASN A 72 50.78 68.08 -27.32
C ASN A 72 49.38 67.77 -26.81
N ARG A 73 48.39 68.05 -27.68
CA ARG A 73 46.99 67.75 -27.41
C ARG A 73 46.81 66.26 -27.15
N THR A 74 45.84 65.93 -26.30
CA THR A 74 45.86 64.60 -25.70
C THR A 74 44.46 64.16 -25.31
N PHE A 75 44.34 62.88 -25.02
CA PHE A 75 43.11 62.28 -24.51
C PHE A 75 43.49 61.03 -23.73
N ASP A 76 43.36 61.10 -22.40
CA ASP A 76 43.75 60.03 -21.51
C ASP A 76 42.60 59.11 -21.15
N GLU A 77 41.66 58.93 -22.09
CA GLU A 77 40.59 57.94 -22.15
C GLU A 77 39.45 58.21 -21.16
N TYR A 78 39.60 59.23 -20.33
CA TYR A 78 38.54 59.74 -19.48
C TYR A 78 38.10 61.15 -19.86
N ALA A 79 39.05 62.05 -20.05
CA ALA A 79 38.77 63.45 -20.29
C ALA A 79 39.46 63.89 -21.57
N CYS A 80 38.75 64.65 -22.40
CA CYS A 80 39.29 65.14 -23.65
C CYS A 80 39.90 66.51 -23.45
N TRP A 81 41.18 66.63 -23.77
CA TRP A 81 41.93 67.85 -23.52
C TRP A 81 42.11 68.67 -24.80
N PRO A 82 42.03 70.01 -24.68
CA PRO A 82 42.32 70.89 -25.81
C PRO A 82 43.81 71.18 -25.96
N ASP A 83 44.14 72.19 -26.76
CA ASP A 83 45.52 72.68 -26.85
C ASP A 83 46.06 73.07 -25.49
N GLY A 84 47.26 72.58 -25.17
CA GLY A 84 47.94 72.95 -23.96
C GLY A 84 49.00 73.99 -24.28
N GLU A 85 48.91 75.13 -23.63
CA GLU A 85 49.98 76.11 -23.63
C GLU A 85 51.06 75.66 -22.63
N PRO A 86 52.34 75.84 -22.95
CA PRO A 86 53.39 75.59 -21.96
C PRO A 86 53.27 76.49 -20.74
N GLY A 87 53.18 75.87 -19.57
CA GLY A 87 53.04 76.62 -18.34
C GLY A 87 51.63 77.03 -17.98
N SER A 88 50.63 76.22 -18.32
CA SER A 88 49.26 76.56 -17.94
C SER A 88 48.46 75.33 -17.53
N PHE A 89 47.62 75.52 -16.52
CA PHE A 89 46.53 74.61 -16.18
C PHE A 89 45.33 74.86 -17.10
N VAL A 90 44.90 73.81 -17.81
CA VAL A 90 43.88 73.93 -18.86
C VAL A 90 42.69 73.04 -18.50
N ASN A 91 41.48 73.62 -18.59
CA ASN A 91 40.26 73.06 -18.02
C ASN A 91 39.24 72.61 -19.06
N VAL A 92 38.67 71.42 -18.84
CA VAL A 92 37.47 70.97 -19.54
C VAL A 92 36.50 70.43 -18.50
N SER A 93 35.22 70.38 -18.89
CA SER A 93 34.15 69.94 -18.01
C SER A 93 34.33 68.49 -17.60
N CYS A 94 33.80 68.16 -16.43
CA CYS A 94 33.74 66.78 -15.99
C CYS A 94 32.84 66.00 -16.94
N PRO A 95 33.35 64.94 -17.58
CA PRO A 95 32.73 64.41 -18.80
C PRO A 95 31.35 63.82 -18.58
N TRP A 96 30.47 64.07 -19.54
CA TRP A 96 29.04 63.82 -19.45
C TRP A 96 28.69 62.35 -19.41
N TYR A 97 29.63 61.46 -19.73
CA TYR A 97 29.31 60.04 -19.75
C TYR A 97 29.34 59.41 -18.37
N LEU A 98 29.84 60.12 -17.36
CA LEU A 98 29.81 59.61 -15.99
C LEU A 98 28.37 59.51 -15.50
N PRO A 99 28.06 58.53 -14.66
CA PRO A 99 26.71 58.49 -14.06
C PRO A 99 26.43 59.64 -13.11
N TRP A 100 27.39 60.03 -12.29
CA TRP A 100 27.22 61.11 -11.33
C TRP A 100 27.87 62.42 -11.75
N ALA A 101 27.90 62.70 -13.06
CA ALA A 101 28.54 63.92 -13.55
C ALA A 101 27.75 65.16 -13.19
N SER A 102 26.41 65.09 -13.24
CA SER A 102 25.55 66.24 -12.98
C SER A 102 25.60 66.71 -11.53
N SER A 103 26.13 65.91 -10.60
CA SER A 103 26.25 66.35 -9.22
C SER A 103 27.52 67.17 -9.00
N VAL A 104 28.50 67.04 -9.89
CA VAL A 104 29.70 67.87 -9.86
C VAL A 104 30.02 68.51 -11.20
N PRO A 105 29.15 69.35 -11.80
CA PRO A 105 29.56 70.01 -13.05
C PRO A 105 30.58 71.12 -12.83
N GLN A 106 30.71 71.62 -11.60
CA GLN A 106 31.59 72.74 -11.29
C GLN A 106 33.06 72.35 -11.20
N GLY A 107 33.38 71.08 -11.36
CA GLY A 107 34.76 70.67 -11.38
C GLY A 107 35.32 70.66 -12.79
N HIS A 108 36.63 70.48 -12.86
CA HIS A 108 37.31 70.30 -14.13
C HIS A 108 38.42 69.30 -13.91
N VAL A 109 39.17 69.04 -14.95
CA VAL A 109 40.44 68.35 -14.81
C VAL A 109 41.55 69.33 -15.17
N TYR A 110 42.72 69.15 -14.57
CA TYR A 110 43.85 70.05 -14.77
C TYR A 110 45.15 69.27 -14.86
N ARG A 111 46.05 69.75 -15.73
CA ARG A 111 47.43 69.25 -15.83
C ARG A 111 48.36 70.45 -16.03
N PHE A 112 49.65 70.27 -15.76
CA PHE A 112 50.64 71.33 -15.93
C PHE A 112 51.70 70.94 -16.94
N CYS A 113 51.96 71.84 -17.89
CA CYS A 113 53.00 71.65 -18.90
C CYS A 113 54.27 72.37 -18.47
N THR A 114 55.38 71.62 -18.40
CA THR A 114 56.67 72.19 -18.04
C THR A 114 57.39 72.72 -19.28
N ALA A 115 58.55 73.33 -19.04
CA ALA A 115 59.25 74.12 -20.04
C ALA A 115 59.88 73.30 -21.16
N GLU A 116 60.06 71.99 -20.98
CA GLU A 116 60.74 71.16 -21.99
C GLU A 116 59.83 70.71 -23.13
N GLY A 117 58.58 71.19 -23.20
CA GLY A 117 57.63 70.63 -24.12
C GLY A 117 56.99 69.35 -23.66
N LEU A 118 57.20 68.96 -22.39
CA LEU A 118 56.52 67.82 -21.77
C LEU A 118 55.95 68.23 -20.42
N TRP A 119 54.82 67.60 -20.06
CA TRP A 119 53.98 68.02 -18.94
C TRP A 119 54.67 67.74 -17.60
N LEU A 120 53.95 68.06 -16.50
CA LEU A 120 54.41 67.76 -15.14
C LEU A 120 54.28 66.26 -14.91
N GLN A 121 55.28 65.53 -15.43
CA GLN A 121 55.20 64.08 -15.37
C GLN A 121 55.34 63.53 -13.96
N LYS A 122 56.27 64.07 -13.17
CA LYS A 122 56.56 63.76 -11.75
C LYS A 122 57.16 62.35 -11.61
N ASP A 123 57.05 61.48 -12.60
CA ASP A 123 57.75 60.20 -12.60
C ASP A 123 57.95 59.75 -14.05
N ASN A 124 59.14 59.20 -14.32
CA ASN A 124 59.59 58.99 -15.70
C ASN A 124 58.76 57.94 -16.43
N SER A 125 58.53 56.79 -15.80
CA SER A 125 57.84 55.70 -16.47
C SER A 125 56.36 56.00 -16.68
N SER A 126 55.72 56.64 -15.72
CA SER A 126 54.28 56.85 -15.72
C SER A 126 53.86 57.99 -16.65
N LEU A 127 52.56 58.15 -16.75
CA LEU A 127 51.90 59.23 -17.47
C LEU A 127 52.09 60.53 -16.68
N PRO A 128 51.77 61.70 -17.26
CA PRO A 128 51.87 62.95 -16.49
C PRO A 128 50.88 63.03 -15.34
N TRP A 129 50.97 64.14 -14.61
CA TRP A 129 50.07 64.42 -13.50
C TRP A 129 48.62 64.47 -13.95
N ARG A 130 47.71 64.05 -13.07
CA ARG A 130 46.29 64.04 -13.36
C ARG A 130 45.54 64.57 -12.15
N ASP A 131 44.40 65.23 -12.39
CA ASP A 131 43.59 65.82 -11.33
C ASP A 131 42.17 65.27 -11.44
N LEU A 132 41.96 64.08 -10.90
CA LEU A 132 40.64 63.47 -10.84
C LEU A 132 39.91 63.82 -9.56
N SER A 133 40.56 64.57 -8.66
CA SER A 133 39.99 64.86 -7.35
C SER A 133 38.74 65.73 -7.44
N GLU A 134 38.73 66.66 -8.41
CA GLU A 134 37.59 67.58 -8.54
C GLU A 134 36.30 66.82 -8.80
N CYS A 135 36.33 65.79 -9.65
CA CYS A 135 35.13 65.02 -9.96
C CYS A 135 35.41 63.52 -9.86
N GLU A 136 35.33 62.99 -8.65
CA GLU A 136 35.25 61.54 -8.47
C GLU A 136 33.82 61.12 -8.19
N GLU A 137 33.23 61.68 -7.12
CA GLU A 137 31.84 61.39 -6.76
C GLU A 137 31.07 62.65 -6.37
N PRO A 146 22.91 48.97 1.05
CA PRO A 146 23.29 48.00 2.07
C PRO A 146 23.95 46.75 1.50
N GLU A 147 25.17 46.49 1.92
CA GLU A 147 25.95 45.36 1.44
C GLU A 147 25.74 44.13 2.32
N GLU A 148 25.78 44.33 3.64
CA GLU A 148 25.68 43.25 4.61
C GLU A 148 24.33 42.55 4.54
N GLN A 149 23.25 43.33 4.39
CA GLN A 149 21.90 42.79 4.38
C GLN A 149 21.69 41.87 3.18
N LEU A 150 22.05 42.34 1.99
CA LEU A 150 21.90 41.53 0.79
C LEU A 150 22.83 40.33 0.79
N LEU A 151 24.06 40.51 1.28
CA LEU A 151 24.98 39.37 1.46
C LEU A 151 24.35 38.28 2.30
N PHE A 152 23.88 38.64 3.50
CA PHE A 152 23.26 37.68 4.40
C PHE A 152 22.04 36.99 3.76
N LEU A 153 21.20 37.75 3.04
CA LEU A 153 20.07 37.14 2.33
C LEU A 153 20.52 36.18 1.25
N TYR A 154 21.57 36.55 0.52
CA TYR A 154 22.14 35.69 -0.52
C TYR A 154 22.65 34.38 0.06
N ILE A 155 23.34 34.47 1.19
CA ILE A 155 23.88 33.29 1.85
C ILE A 155 22.77 32.37 2.32
N ILE A 156 21.75 32.93 2.99
CA ILE A 156 20.70 32.07 3.55
C ILE A 156 19.86 31.42 2.46
N TYR A 157 19.51 32.13 1.37
CA TYR A 157 18.71 31.44 0.36
C TYR A 157 19.54 30.42 -0.41
N THR A 158 20.82 30.70 -0.66
CA THR A 158 21.64 29.71 -1.36
C THR A 158 21.82 28.45 -0.52
N VAL A 159 21.88 28.61 0.80
CA VAL A 159 22.00 27.46 1.68
C VAL A 159 20.68 26.69 1.75
N GLY A 160 19.56 27.42 1.78
CA GLY A 160 18.27 26.77 1.79
C GLY A 160 17.98 26.00 0.51
N TYR A 161 18.31 26.57 -0.65
CA TYR A 161 18.13 25.86 -1.91
C TYR A 161 19.05 24.66 -2.02
N ALA A 162 20.30 24.76 -1.56
CA ALA A 162 21.21 23.62 -1.61
C ALA A 162 20.72 22.47 -0.74
N LEU A 163 20.29 22.80 0.49
CA LEU A 163 19.79 21.79 1.41
C LEU A 163 18.51 21.15 0.89
N SER A 164 17.61 21.96 0.32
CA SER A 164 16.38 21.45 -0.27
C SER A 164 16.68 20.58 -1.49
N PHE A 165 17.67 20.98 -2.30
CA PHE A 165 18.06 20.21 -3.48
C PHE A 165 18.56 18.83 -3.11
N SER A 166 19.37 18.76 -2.05
CA SER A 166 19.91 17.47 -1.62
C SER A 166 18.82 16.59 -1.02
N ALA A 167 17.95 17.17 -0.19
CA ALA A 167 16.88 16.40 0.43
C ALA A 167 15.88 15.87 -0.61
N LEU A 168 15.52 16.71 -1.58
CA LEU A 168 14.59 16.28 -2.62
C LEU A 168 15.20 15.22 -3.51
N VAL A 169 16.50 15.32 -3.82
CA VAL A 169 17.13 14.28 -4.65
C VAL A 169 17.09 12.95 -3.92
N ILE A 170 17.39 12.95 -2.62
CA ILE A 170 17.35 11.72 -1.84
C ILE A 170 15.94 11.17 -1.77
N ALA A 171 14.94 12.05 -1.57
CA ALA A 171 13.54 11.64 -1.47
C ALA A 171 13.05 11.03 -2.78
N SER A 172 13.43 11.64 -3.91
CA SER A 172 13.03 11.14 -5.22
C SER A 172 13.61 9.76 -5.45
N ALA A 173 14.88 9.56 -5.07
CA ALA A 173 15.52 8.26 -5.22
C ALA A 173 14.82 7.21 -4.36
N ILE A 174 14.43 7.59 -3.14
CA ILE A 174 13.75 6.67 -2.23
C ILE A 174 12.41 6.24 -2.81
N LEU A 175 11.65 7.20 -3.36
CA LEU A 175 10.34 6.86 -3.94
C LEU A 175 10.49 5.95 -5.17
N LEU A 176 11.43 6.27 -6.06
CA LEU A 176 11.62 5.45 -7.26
C LEU A 176 12.16 4.05 -6.95
N GLY A 177 13.12 3.94 -6.01
CA GLY A 177 13.75 2.67 -5.72
C GLY A 177 12.87 1.57 -5.14
N PHE A 178 12.00 1.91 -4.19
CA PHE A 178 11.15 0.88 -3.57
C PHE A 178 10.19 0.22 -4.54
N ARG A 179 9.60 0.98 -5.47
CA ARG A 179 8.69 0.51 -6.52
C ARG A 179 7.40 -0.12 -6.00
N HIS A 180 7.15 -0.05 -4.70
CA HIS A 180 5.91 -0.49 -4.09
C HIS A 180 5.01 0.67 -3.74
N LEU A 181 5.56 1.86 -3.59
CA LEU A 181 4.82 3.07 -3.32
C LEU A 181 4.29 3.71 -4.58
N HIS A 182 4.51 3.07 -5.73
CA HIS A 182 4.13 3.64 -7.01
C HIS A 182 2.62 3.76 -7.13
N CYS A 183 2.14 5.01 -7.21
CA CYS A 183 0.72 5.34 -7.18
C CYS A 183 0.50 6.66 -7.90
N THR A 184 -0.76 7.06 -8.08
CA THR A 184 -1.04 8.29 -8.81
C THR A 184 -0.67 9.53 -7.99
N ARG A 185 -1.00 9.53 -6.70
CA ARG A 185 -0.57 10.63 -5.84
C ARG A 185 0.94 10.68 -5.71
N ASN A 186 1.60 9.52 -5.72
CA ASN A 186 3.06 9.50 -5.75
C ASN A 186 3.62 10.02 -7.07
N TYR A 187 2.92 9.80 -8.20
CA TYR A 187 3.31 10.48 -9.43
C TYR A 187 3.22 11.99 -9.28
N ILE A 188 2.16 12.48 -8.63
CA ILE A 188 1.99 13.91 -8.41
C ILE A 188 3.10 14.44 -7.51
N HIS A 189 3.48 13.66 -6.50
CA HIS A 189 4.56 14.05 -5.60
C HIS A 189 5.91 14.04 -6.30
N LEU A 190 6.14 13.05 -7.17
CA LEU A 190 7.39 12.97 -7.91
C LEU A 190 7.54 14.14 -8.87
N ASN A 191 6.45 14.52 -9.54
CA ASN A 191 6.48 15.68 -10.42
C ASN A 191 6.69 16.97 -9.63
N LEU A 192 6.10 17.08 -8.45
CA LEU A 192 6.31 18.25 -7.60
C LEU A 192 7.76 18.36 -7.17
N PHE A 193 8.36 17.24 -6.78
CA PHE A 193 9.77 17.23 -6.36
C PHE A 193 10.67 17.60 -7.52
N ALA A 194 10.35 17.09 -8.72
CA ALA A 194 11.10 17.44 -9.92
C ALA A 194 11.01 18.92 -10.23
N SER A 195 9.82 19.51 -10.05
CA SER A 195 9.65 20.95 -10.28
C SER A 195 10.49 21.77 -9.32
N PHE A 196 10.54 21.37 -8.04
CA PHE A 196 11.42 22.05 -7.09
C PHE A 196 12.89 21.92 -7.47
N ILE A 197 13.30 20.74 -7.96
CA ILE A 197 14.68 20.54 -8.43
C ILE A 197 15.00 21.46 -9.59
N LEU A 198 14.04 21.61 -10.52
CA LEU A 198 14.23 22.52 -11.65
C LEU A 198 14.37 23.97 -11.19
N ARG A 199 13.58 24.37 -10.19
CA ARG A 199 13.69 25.73 -9.65
C ARG A 199 15.06 25.96 -9.00
N ALA A 200 15.55 24.97 -8.24
CA ALA A 200 16.87 25.09 -7.62
C ALA A 200 17.98 25.17 -8.66
N LEU A 201 17.90 24.35 -9.71
CA LEU A 201 18.89 24.40 -10.78
C LEU A 201 18.84 25.74 -11.50
N SER A 202 17.64 26.26 -11.74
CA SER A 202 17.49 27.55 -12.42
C SER A 202 18.09 28.69 -11.61
N VAL A 203 17.82 28.72 -10.30
CA VAL A 203 18.40 29.79 -9.48
C VAL A 203 19.91 29.65 -9.37
N PHE A 204 20.44 28.42 -9.33
CA PHE A 204 21.90 28.26 -9.32
C PHE A 204 22.53 28.70 -10.64
N ILE A 205 21.88 28.41 -11.76
CA ILE A 205 22.44 28.82 -13.06
C ILE A 205 22.36 30.34 -13.20
N LYS A 206 21.26 30.95 -12.74
CA LYS A 206 21.13 32.40 -12.77
C LYS A 206 22.19 33.06 -11.89
N ASP A 207 22.43 32.46 -10.71
CA ASP A 207 23.44 32.98 -9.78
C ASP A 207 24.83 32.91 -10.40
N ALA A 208 25.17 31.78 -11.03
CA ALA A 208 26.49 31.61 -11.63
C ALA A 208 26.68 32.57 -12.80
N ALA A 209 25.70 32.65 -13.69
CA ALA A 209 25.80 33.54 -14.85
C ALA A 209 25.85 35.00 -14.44
N LEU A 210 25.03 35.40 -13.47
CA LEU A 210 25.04 36.78 -13.01
C LEU A 210 26.34 37.12 -12.28
N LYS A 211 26.84 36.20 -11.45
CA LYS A 211 28.10 36.46 -10.74
C LYS A 211 29.27 36.57 -11.71
N TRP A 212 29.30 35.69 -12.72
CA TRP A 212 30.33 35.77 -13.75
C TRP A 212 30.22 37.06 -14.55
N MET A 213 28.99 37.54 -14.75
CA MET A 213 28.71 38.68 -15.62
C MET A 213 29.44 39.94 -15.18
N TYR A 214 29.13 40.45 -14.00
CA TYR A 214 29.57 41.80 -13.68
C TYR A 214 30.95 41.83 -13.01
N SER A 215 31.08 41.23 -11.83
CA SER A 215 32.25 41.53 -11.01
C SER A 215 33.46 40.68 -11.37
N THR A 216 33.25 39.37 -11.55
CA THR A 216 34.35 38.45 -11.84
C THR A 216 35.00 38.73 -13.18
N ALA A 217 34.20 38.98 -14.22
CA ALA A 217 34.74 39.31 -15.53
C ALA A 217 35.48 40.64 -15.52
N ALA A 218 34.95 41.64 -14.82
CA ALA A 218 35.60 42.94 -14.73
C ALA A 218 36.90 42.87 -13.96
N GLN A 219 36.99 42.00 -12.95
CA GLN A 219 38.25 41.86 -12.23
C GLN A 219 39.24 41.00 -12.99
N GLN A 220 38.74 40.10 -13.84
CA GLN A 220 39.58 39.45 -14.83
C GLN A 220 39.77 40.31 -16.07
N HIS A 221 39.10 41.46 -16.13
CA HIS A 221 39.22 42.47 -17.19
C HIS A 221 38.83 41.89 -18.55
N GLN A 222 37.60 41.40 -18.64
CA GLN A 222 37.10 40.83 -19.88
C GLN A 222 35.84 41.59 -20.28
N TRP A 223 36.05 42.75 -20.89
CA TRP A 223 34.93 43.55 -21.35
C TRP A 223 34.44 43.14 -22.72
N ASP A 224 35.34 42.71 -23.61
CA ASP A 224 34.92 42.17 -24.90
C ASP A 224 34.06 40.93 -24.71
N GLY A 225 34.47 40.03 -23.81
CA GLY A 225 33.66 38.87 -23.50
C GLY A 225 32.39 39.23 -22.76
N LEU A 226 32.46 40.20 -21.85
CA LEU A 226 31.28 40.66 -21.12
C LEU A 226 30.23 41.24 -22.06
N LEU A 227 30.68 42.06 -23.02
CA LEU A 227 29.81 42.60 -24.05
C LEU A 227 29.27 41.51 -24.96
N SER A 228 30.10 40.52 -25.29
CA SER A 228 29.65 39.41 -26.11
C SER A 228 28.55 38.61 -25.44
N TYR A 229 28.69 38.35 -24.13
CA TYR A 229 27.61 37.69 -23.41
C TYR A 229 26.39 38.59 -23.32
N GLN A 230 26.60 39.91 -23.21
CA GLN A 230 25.48 40.85 -23.18
C GLN A 230 24.68 40.77 -24.47
N ASP A 231 25.37 40.59 -25.59
CA ASP A 231 24.67 40.42 -26.86
C ASP A 231 24.11 39.01 -27.01
N SER A 232 24.69 38.04 -26.31
CA SER A 232 24.30 36.64 -26.47
C SER A 232 22.89 36.37 -25.95
N LEU A 233 22.20 35.46 -26.64
CA LEU A 233 20.85 35.07 -26.28
C LEU A 233 20.82 34.09 -25.13
N SER A 234 21.99 33.65 -24.65
CA SER A 234 22.05 32.87 -23.42
C SER A 234 21.49 33.66 -22.25
N CYS A 235 21.77 34.97 -22.19
CA CYS A 235 21.10 35.83 -21.21
C CYS A 235 19.60 35.90 -21.47
N ARG A 236 19.20 36.05 -22.72
CA ARG A 236 17.78 36.09 -23.09
C ARG A 236 17.06 34.75 -22.92
N LEU A 237 17.74 33.69 -22.53
CA LEU A 237 17.09 32.40 -22.30
C LEU A 237 17.18 31.88 -20.88
N VAL A 238 18.33 32.07 -20.20
CA VAL A 238 18.47 31.66 -18.79
C VAL A 238 17.36 32.26 -17.93
N PHE A 239 17.14 33.56 -18.07
CA PHE A 239 16.09 34.22 -17.29
C PHE A 239 14.69 33.72 -17.64
N LEU A 240 14.44 33.38 -18.92
CA LEU A 240 13.17 32.74 -19.26
C LEU A 240 13.02 31.40 -18.59
N LEU A 241 14.11 30.63 -18.51
CA LEU A 241 14.08 29.33 -17.85
C LEU A 241 13.78 29.49 -16.37
N MET A 242 14.39 30.51 -15.74
CA MET A 242 14.16 30.79 -14.33
C MET A 242 12.69 31.16 -14.06
N GLN A 243 12.11 31.99 -14.92
CA GLN A 243 10.71 32.36 -14.76
C GLN A 243 9.79 31.17 -14.98
N TYR A 244 10.10 30.34 -15.97
CA TYR A 244 9.32 29.13 -16.22
C TYR A 244 9.38 28.16 -15.05
N CYS A 245 10.56 28.00 -14.44
CA CYS A 245 10.68 27.11 -13.29
C CYS A 245 9.86 27.60 -12.10
N VAL A 246 9.88 28.92 -11.83
CA VAL A 246 9.10 29.44 -10.71
C VAL A 246 7.60 29.25 -10.96
N ALA A 247 7.15 29.56 -12.18
CA ALA A 247 5.74 29.38 -12.53
C ALA A 247 5.33 27.91 -12.48
N ALA A 248 6.24 27.01 -12.90
CA ALA A 248 5.98 25.58 -12.83
C ALA A 248 5.83 25.12 -11.39
N ASN A 249 6.63 25.67 -10.47
CA ASN A 249 6.52 25.29 -9.06
C ASN A 249 5.17 25.70 -8.49
N TYR A 250 4.72 26.92 -8.81
CA TYR A 250 3.44 27.36 -8.25
C TYR A 250 2.28 26.60 -8.85
N TYR A 251 2.29 26.37 -10.16
CA TYR A 251 1.22 25.59 -10.77
C TYR A 251 1.22 24.13 -10.34
N TRP A 252 2.39 23.51 -10.12
CA TRP A 252 2.39 22.16 -9.57
C TRP A 252 1.81 22.09 -8.15
N LEU A 253 2.08 23.11 -7.32
CA LEU A 253 1.40 23.21 -6.03
C LEU A 253 -0.12 23.27 -6.22
N LEU A 254 -0.58 24.05 -7.20
CA LEU A 254 -2.01 24.08 -7.53
C LEU A 254 -2.52 22.72 -7.98
N VAL A 255 -1.74 22.01 -8.80
CA VAL A 255 -2.17 20.73 -9.35
C VAL A 255 -2.37 19.71 -8.24
N GLU A 256 -1.45 19.67 -7.27
CA GLU A 256 -1.63 18.75 -6.14
C GLU A 256 -2.82 19.14 -5.28
N GLY A 257 -3.04 20.44 -5.08
CA GLY A 257 -4.22 20.86 -4.33
C GLY A 257 -5.54 20.50 -5.00
N VAL A 258 -5.62 20.70 -6.32
CA VAL A 258 -6.81 20.34 -7.09
C VAL A 258 -7.02 18.83 -7.08
N TYR A 259 -5.93 18.06 -7.16
CA TYR A 259 -6.04 16.60 -7.12
C TYR A 259 -6.58 16.12 -5.77
N LEU A 260 -6.10 16.71 -4.67
CA LEU A 260 -6.60 16.34 -3.34
C LEU A 260 -8.08 16.68 -3.22
N TYR A 261 -8.46 17.89 -3.63
CA TYR A 261 -9.86 18.30 -3.58
C TYR A 261 -10.73 17.42 -4.46
N THR A 262 -10.19 17.01 -5.62
CA THR A 262 -10.90 16.14 -6.54
C THR A 262 -11.21 14.81 -5.90
N LEU A 263 -10.22 14.22 -5.24
CA LEU A 263 -10.41 12.92 -4.58
C LEU A 263 -11.43 13.03 -3.45
N LEU A 264 -11.31 14.05 -2.61
CA LEU A 264 -12.24 14.16 -1.48
C LEU A 264 -13.66 14.52 -1.92
N ALA A 265 -13.82 15.54 -2.76
CA ALA A 265 -15.15 15.98 -3.15
C ALA A 265 -15.84 15.01 -4.10
N PHE A 266 -15.29 14.85 -5.31
CA PHE A 266 -16.01 14.17 -6.39
C PHE A 266 -16.04 12.66 -6.19
N SER A 267 -14.86 12.06 -5.99
CA SER A 267 -14.59 10.65 -5.74
C SER A 267 -14.87 9.74 -6.94
N VAL A 268 -15.28 10.28 -8.09
CA VAL A 268 -15.51 9.49 -9.30
C VAL A 268 -14.90 10.21 -10.49
N PHE A 269 -14.12 9.46 -11.28
CA PHE A 269 -13.37 10.01 -12.40
C PHE A 269 -12.87 8.87 -13.29
N SER A 270 -12.30 9.25 -14.42
CA SER A 270 -11.65 8.32 -15.35
C SER A 270 -10.15 8.57 -15.29
N GLU A 271 -9.39 7.53 -14.95
CA GLU A 271 -8.06 7.71 -14.35
C GLU A 271 -7.01 8.18 -15.35
N GLN A 272 -6.97 7.56 -16.54
CA GLN A 272 -5.96 7.90 -17.55
C GLN A 272 -6.10 9.33 -18.06
N TRP A 273 -7.34 9.73 -18.38
CA TRP A 273 -7.59 11.07 -18.90
C TRP A 273 -7.32 12.12 -17.83
N ILE A 274 -7.74 11.86 -16.60
CA ILE A 274 -7.54 12.79 -15.49
C ILE A 274 -6.06 12.96 -15.19
N PHE A 275 -5.28 11.87 -15.23
CA PHE A 275 -3.86 12.00 -14.92
C PHE A 275 -3.12 12.75 -16.03
N ARG A 276 -3.46 12.45 -17.29
CA ARG A 276 -2.85 13.16 -18.41
C ARG A 276 -3.20 14.63 -18.34
N LEU A 277 -4.45 14.95 -17.99
CA LEU A 277 -4.88 16.34 -17.88
C LEU A 277 -4.10 17.08 -16.79
N TYR A 278 -3.90 16.44 -15.62
CA TYR A 278 -3.15 17.10 -14.56
C TYR A 278 -1.70 17.35 -14.95
N VAL A 279 -1.05 16.35 -15.57
CA VAL A 279 0.33 16.52 -16.01
C VAL A 279 0.44 17.62 -17.07
N SER A 280 -0.51 17.62 -18.02
CA SER A 280 -0.52 18.61 -19.08
C SER A 280 -0.76 20.01 -18.53
N ILE A 281 -1.68 20.17 -17.57
CA ILE A 281 -1.93 21.49 -17.01
C ILE A 281 -0.72 21.98 -16.24
N GLY A 282 -0.08 21.08 -15.49
CA GLY A 282 1.02 21.48 -14.62
C GLY A 282 2.27 21.88 -15.37
N TRP A 283 2.67 21.09 -16.36
CA TRP A 283 3.81 21.54 -17.15
C TRP A 283 3.42 22.57 -18.23
N GLY A 284 2.30 22.38 -18.91
CA GLY A 284 1.97 23.21 -20.06
C GLY A 284 1.59 24.65 -19.75
N VAL A 285 0.69 24.87 -18.78
CA VAL A 285 0.21 26.25 -18.56
C VAL A 285 1.27 27.25 -18.10
N PRO A 286 2.31 26.91 -17.28
CA PRO A 286 3.33 27.95 -17.03
C PRO A 286 4.06 28.37 -18.29
N LEU A 287 4.33 27.43 -19.19
CA LEU A 287 4.91 27.77 -20.49
C LEU A 287 3.95 28.64 -21.29
N LEU A 288 2.66 28.36 -21.17
CA LEU A 288 1.62 29.13 -21.86
C LEU A 288 1.62 30.58 -21.41
N PHE A 289 1.79 30.83 -20.12
CA PHE A 289 1.91 32.22 -19.67
C PHE A 289 3.28 32.84 -19.97
N VAL A 290 4.37 32.06 -19.84
CA VAL A 290 5.72 32.60 -19.98
C VAL A 290 6.00 33.06 -21.42
N VAL A 291 5.53 32.29 -22.41
CA VAL A 291 5.84 32.60 -23.82
C VAL A 291 5.38 33.98 -24.30
N PRO A 292 4.16 34.47 -24.01
CA PRO A 292 3.84 35.87 -24.38
C PRO A 292 4.69 36.88 -23.64
N TRP A 293 5.01 36.63 -22.36
CA TRP A 293 5.90 37.53 -21.64
C TRP A 293 7.28 37.59 -22.28
N GLY A 294 7.78 36.45 -22.73
CA GLY A 294 9.06 36.42 -23.43
C GLY A 294 9.03 37.17 -24.75
N ILE A 295 7.95 36.99 -25.52
CA ILE A 295 7.81 37.68 -26.81
C ILE A 295 7.71 39.19 -26.58
N VAL A 296 6.92 39.61 -25.57
CA VAL A 296 6.74 41.02 -25.27
C VAL A 296 8.06 41.64 -24.81
N LYS A 297 8.79 40.96 -23.93
CA LYS A 297 10.05 41.49 -23.43
C LYS A 297 11.10 41.58 -24.54
N TYR A 298 11.26 40.51 -25.32
CA TYR A 298 12.27 40.46 -26.37
C TYR A 298 11.99 41.47 -27.48
N LEU A 299 10.76 41.54 -27.96
CA LEU A 299 10.47 42.49 -29.02
C LEU A 299 10.47 43.92 -28.51
N TYR A 300 9.63 44.20 -27.50
CA TYR A 300 9.39 45.57 -27.06
C TYR A 300 10.60 46.19 -26.35
N GLU A 301 11.26 45.48 -25.43
CA GLU A 301 12.33 46.11 -24.66
C GLU A 301 13.71 45.59 -25.02
N ASP A 302 14.03 44.33 -24.69
CA ASP A 302 15.32 43.67 -24.91
C ASP A 302 16.52 44.52 -24.45
N GLU A 303 16.35 45.33 -23.41
CA GLU A 303 17.34 46.32 -23.03
C GLU A 303 18.26 45.76 -21.96
N GLY A 304 19.53 45.56 -22.31
CA GLY A 304 20.51 44.89 -21.49
C GLY A 304 20.09 43.45 -21.24
N CYS A 305 20.53 42.91 -20.10
CA CYS A 305 19.90 41.70 -19.61
C CYS A 305 18.60 42.03 -18.91
N TRP A 306 17.66 41.08 -18.99
CA TRP A 306 16.26 41.31 -18.63
C TRP A 306 16.04 41.48 -17.14
N THR A 307 17.08 41.29 -16.32
CA THR A 307 17.01 41.32 -14.86
C THR A 307 16.47 42.64 -14.30
N ARG A 308 16.61 43.74 -15.06
CA ARG A 308 16.21 45.07 -14.59
C ARG A 308 14.73 45.13 -14.23
N ASN A 309 13.87 44.53 -15.07
CA ASN A 309 12.41 44.52 -14.92
C ASN A 309 11.87 45.95 -14.81
N SER A 310 12.08 46.72 -15.88
CA SER A 310 11.83 48.15 -15.85
C SER A 310 10.34 48.45 -15.83
N ASN A 311 9.61 47.99 -16.84
CA ASN A 311 8.18 48.27 -16.93
C ASN A 311 7.40 47.23 -16.14
N MET A 312 6.61 47.71 -15.19
CA MET A 312 5.82 46.84 -14.33
C MET A 312 4.67 46.20 -15.09
N ASN A 313 4.09 46.94 -16.05
CA ASN A 313 2.96 46.44 -16.84
C ASN A 313 3.31 45.18 -17.62
N TYR A 314 4.51 45.11 -18.19
CA TYR A 314 4.93 43.90 -18.90
C TYR A 314 5.06 42.72 -17.96
N TRP A 315 5.58 42.96 -16.75
CA TRP A 315 5.78 41.92 -15.76
C TRP A 315 4.48 41.53 -15.06
N LEU A 316 3.43 42.33 -15.24
CA LEU A 316 2.12 42.00 -14.69
C LEU A 316 1.56 40.74 -15.36
N ILE A 317 1.90 40.56 -16.64
CA ILE A 317 1.41 39.44 -17.44
C ILE A 317 1.87 38.11 -16.83
N ILE A 318 3.14 38.02 -16.45
CA ILE A 318 3.59 36.82 -15.74
C ILE A 318 3.12 36.81 -14.28
N ARG A 319 3.08 37.98 -13.61
CA ARG A 319 2.79 38.03 -12.17
C ARG A 319 1.38 37.58 -11.82
N LEU A 320 0.36 37.99 -12.59
CA LEU A 320 -1.02 37.69 -12.24
C LEU A 320 -1.44 36.21 -12.20
N PRO A 321 -1.01 35.32 -13.13
CA PRO A 321 -1.37 33.90 -12.97
C PRO A 321 -0.86 33.27 -11.71
N ILE A 322 0.32 33.67 -11.23
CA ILE A 322 0.85 33.16 -9.97
C ILE A 322 -0.09 33.54 -8.82
N LEU A 323 -0.61 34.78 -8.86
CA LEU A 323 -1.57 35.22 -7.86
C LEU A 323 -2.87 34.42 -7.95
N PHE A 324 -3.34 34.15 -9.17
CA PHE A 324 -4.54 33.34 -9.34
C PHE A 324 -4.36 31.93 -8.79
N ALA A 325 -3.21 31.32 -9.08
CA ALA A 325 -2.89 30.00 -8.54
C ALA A 325 -2.86 30.01 -7.02
N ILE A 326 -2.26 31.05 -6.44
CA ILE A 326 -2.21 31.22 -4.99
C ILE A 326 -3.61 31.35 -4.39
N GLY A 327 -4.49 32.12 -5.04
CA GLY A 327 -5.85 32.27 -4.55
C GLY A 327 -6.66 30.99 -4.61
N VAL A 328 -6.55 30.25 -5.72
CA VAL A 328 -7.26 28.97 -5.85
C VAL A 328 -6.75 27.96 -4.84
N ASN A 329 -5.42 27.94 -4.62
CA ASN A 329 -4.84 27.03 -3.65
C ASN A 329 -5.30 27.36 -2.23
N PHE A 330 -5.42 28.66 -1.90
CA PHE A 330 -5.94 29.03 -0.59
C PHE A 330 -7.39 28.61 -0.41
N LEU A 331 -8.21 28.78 -1.45
CA LEU A 331 -9.61 28.36 -1.40
C LEU A 331 -9.73 26.86 -1.14
N ILE A 332 -8.98 26.06 -1.93
CA ILE A 332 -8.90 24.61 -1.72
C ILE A 332 -8.45 24.27 -0.31
N PHE A 333 -7.48 25.04 0.23
CA PHE A 333 -7.01 24.82 1.59
C PHE A 333 -8.12 25.03 2.60
N VAL A 334 -8.93 26.08 2.41
CA VAL A 334 -10.04 26.35 3.33
C VAL A 334 -11.06 25.22 3.29
N ARG A 335 -11.36 24.71 2.08
CA ARG A 335 -12.30 23.59 1.96
C ARG A 335 -11.79 22.32 2.64
N VAL A 336 -10.51 22.01 2.44
CA VAL A 336 -9.93 20.81 3.06
C VAL A 336 -9.89 20.94 4.58
N ILE A 337 -9.55 22.13 5.10
CA ILE A 337 -9.54 22.33 6.54
C ILE A 337 -10.95 22.16 7.11
N CYS A 338 -11.95 22.70 6.42
CA CYS A 338 -13.35 22.55 6.84
C CYS A 338 -13.74 21.07 6.92
N ILE A 339 -13.46 20.32 5.85
CA ILE A 339 -13.81 18.90 5.81
C ILE A 339 -13.09 18.11 6.90
N VAL A 340 -11.79 18.39 7.12
CA VAL A 340 -11.03 17.70 8.16
C VAL A 340 -11.60 17.98 9.54
N VAL A 341 -11.95 19.24 9.82
CA VAL A 341 -12.54 19.61 11.10
C VAL A 341 -13.88 18.92 11.30
N SER A 342 -14.70 18.86 10.24
CA SER A 342 -16.00 18.21 10.34
C SER A 342 -15.86 16.72 10.63
N LYS A 343 -14.92 16.05 9.95
CA LYS A 343 -14.70 14.62 10.20
C LYS A 343 -14.18 14.39 11.61
N LEU A 344 -13.25 15.24 12.06
CA LEU A 344 -12.70 15.10 13.40
C LEU A 344 -13.75 15.30 14.49
N LYS A 345 -14.60 16.33 14.33
CA LYS A 345 -15.67 16.55 15.30
C LYS A 345 -16.69 15.41 15.28
N ALA A 346 -17.07 14.95 14.09
CA ALA A 346 -17.99 13.84 13.96
C ALA A 346 -17.38 12.53 14.43
N ASP A 353 -6.94 17.43 22.51
CA ASP A 353 -7.46 16.34 21.70
C ASP A 353 -7.77 16.85 20.29
N ILE A 354 -8.93 17.52 20.16
CA ILE A 354 -9.35 18.04 18.87
C ILE A 354 -8.41 19.13 18.40
N LYS A 355 -8.03 20.03 19.32
CA LYS A 355 -7.11 21.11 18.98
C LYS A 355 -5.74 20.57 18.58
N CYS A 356 -5.24 19.56 19.31
CA CYS A 356 -3.94 18.98 18.98
C CYS A 356 -3.96 18.29 17.62
N ARG A 357 -5.04 17.55 17.32
CA ARG A 357 -5.14 16.88 16.02
C ARG A 357 -5.25 17.89 14.89
N LEU A 358 -6.04 18.95 15.11
CA LEU A 358 -6.19 19.99 14.09
C LEU A 358 -4.88 20.71 13.86
N ALA A 359 -4.12 20.98 14.93
CA ALA A 359 -2.84 21.65 14.81
C ALA A 359 -1.87 20.81 14.01
N LYS A 360 -1.84 19.50 14.28
CA LYS A 360 -0.94 18.61 13.55
C LYS A 360 -1.32 18.56 12.07
N SER A 361 -2.62 18.46 11.78
CA SER A 361 -3.08 18.39 10.40
C SER A 361 -2.79 19.68 9.63
N THR A 362 -3.06 20.85 10.23
CA THR A 362 -2.79 22.11 9.54
C THR A 362 -1.30 22.32 9.34
N LEU A 363 -0.47 21.97 10.34
CA LEU A 363 0.97 22.15 10.20
C LEU A 363 1.51 21.27 9.07
N THR A 364 1.02 20.03 8.98
CA THR A 364 1.46 19.16 7.90
C THR A 364 1.00 19.70 6.54
N LEU A 365 -0.25 20.19 6.48
CA LEU A 365 -0.85 20.68 5.24
C LEU A 365 -0.19 21.93 4.66
N ILE A 366 0.26 22.86 5.51
CA ILE A 366 0.80 24.15 5.02
C ILE A 366 2.03 24.07 4.08
N PRO A 367 3.06 23.24 4.32
CA PRO A 367 4.19 23.19 3.36
C PRO A 367 3.82 22.70 1.97
N LEU A 368 2.94 21.71 1.89
CA LEU A 368 2.54 21.14 0.61
C LEU A 368 1.55 22.01 -0.16
N LEU A 369 1.07 23.12 0.41
CA LEU A 369 0.12 23.95 -0.33
C LEU A 369 0.41 25.45 -0.32
N GLY A 370 1.37 25.94 0.46
CA GLY A 370 1.75 27.34 0.34
C GLY A 370 0.82 28.36 0.96
N THR A 371 0.25 28.05 2.13
CA THR A 371 -0.54 29.03 2.87
C THR A 371 0.30 30.26 3.23
N HIS A 372 1.59 30.03 3.56
CA HIS A 372 2.49 31.14 3.84
C HIS A 372 2.69 32.00 2.61
N GLU A 373 2.71 31.39 1.42
CA GLU A 373 2.80 32.16 0.19
C GLU A 373 1.56 33.02 0.02
N VAL A 374 0.40 32.47 0.36
CA VAL A 374 -0.86 33.19 0.21
C VAL A 374 -0.90 34.42 1.11
N ILE A 375 -0.53 34.25 2.39
CA ILE A 375 -0.57 35.37 3.32
C ILE A 375 0.47 36.43 2.97
N PHE A 376 1.70 36.02 2.61
CA PHE A 376 2.71 37.01 2.22
C PHE A 376 2.36 37.74 0.93
N ALA A 377 1.80 37.02 -0.04
CA ALA A 377 1.43 37.61 -1.32
C ALA A 377 0.34 38.65 -1.17
N PHE A 378 -0.65 38.41 -0.31
CA PHE A 378 -1.75 39.37 -0.23
C PHE A 378 -1.77 40.23 1.03
N VAL A 379 -1.71 39.66 2.24
CA VAL A 379 -1.85 40.49 3.43
C VAL A 379 -0.56 41.26 3.71
N MET A 380 0.57 40.57 3.68
CA MET A 380 1.84 41.15 4.08
C MET A 380 2.47 41.98 2.96
N ASP A 381 1.84 42.05 1.79
CA ASP A 381 2.34 42.94 0.74
C ASP A 381 2.27 44.40 1.18
N GLU A 382 1.12 44.81 1.74
CA GLU A 382 0.90 46.15 2.32
C GLU A 382 1.13 47.26 1.29
N HIS A 383 0.69 47.01 0.05
CA HIS A 383 0.81 47.86 -1.14
C HIS A 383 2.25 47.93 -1.64
N ALA A 384 3.12 47.02 -1.17
CA ALA A 384 4.53 46.91 -1.53
C ALA A 384 5.30 48.18 -1.16
N ARG A 385 4.93 48.82 -0.06
CA ARG A 385 5.53 50.09 0.32
C ARG A 385 6.09 50.14 1.74
N GLY A 386 6.06 49.03 2.48
CA GLY A 386 6.47 49.07 3.87
C GLY A 386 7.97 49.20 4.02
N THR A 387 8.40 50.10 4.91
CA THR A 387 9.80 50.15 5.32
C THR A 387 10.08 49.03 6.32
N LEU A 388 11.37 48.88 6.66
CA LEU A 388 11.92 47.68 7.31
C LEU A 388 11.51 46.45 6.53
N ARG A 389 11.63 46.56 5.21
CA ARG A 389 11.21 45.52 4.27
C ARG A 389 11.98 44.23 4.51
N PHE A 390 13.27 44.37 4.83
CA PHE A 390 14.21 43.30 5.19
C PHE A 390 13.66 42.16 6.02
N ILE A 391 12.86 42.45 7.06
CA ILE A 391 12.28 41.41 7.91
C ILE A 391 11.29 40.57 7.12
N LYS A 392 10.42 41.25 6.36
CA LYS A 392 9.41 40.60 5.53
C LYS A 392 10.08 39.76 4.45
N LEU A 393 11.07 40.35 3.77
CA LEU A 393 11.81 39.66 2.72
C LEU A 393 12.56 38.46 3.26
N PHE A 394 13.18 38.61 4.43
CA PHE A 394 13.94 37.56 5.09
C PHE A 394 13.04 36.38 5.46
N THR A 395 11.87 36.68 6.02
CA THR A 395 10.93 35.64 6.41
C THR A 395 10.38 34.90 5.18
N GLU A 396 10.02 35.65 4.14
CA GLU A 396 9.48 35.02 2.92
C GLU A 396 10.52 34.17 2.24
N LEU A 397 11.75 34.67 2.18
CA LEU A 397 12.84 33.95 1.54
C LEU A 397 13.12 32.65 2.28
N SER A 398 13.14 32.70 3.61
CA SER A 398 13.41 31.50 4.39
C SER A 398 12.31 30.45 4.20
N PHE A 399 11.04 30.89 4.21
CA PHE A 399 9.93 29.96 4.02
C PHE A 399 9.94 29.32 2.64
N THR A 400 10.18 30.12 1.60
CA THR A 400 10.21 29.59 0.24
C THR A 400 11.38 28.63 0.04
N SER A 401 12.57 29.00 0.51
CA SER A 401 13.75 28.15 0.39
C SER A 401 13.60 26.84 1.16
N PHE A 402 13.03 26.90 2.36
CA PHE A 402 12.86 25.71 3.18
C PHE A 402 11.61 24.90 2.90
N GLN A 403 10.72 25.36 2.01
CA GLN A 403 9.50 24.60 1.72
C GLN A 403 9.82 23.24 1.13
N GLY A 404 10.81 23.18 0.23
CA GLY A 404 11.21 21.90 -0.35
C GLY A 404 11.76 20.94 0.71
N LEU A 405 12.57 21.48 1.63
CA LEU A 405 13.10 20.65 2.70
C LEU A 405 11.99 20.15 3.61
N MET A 406 11.02 21.02 3.93
CA MET A 406 9.92 20.62 4.81
C MET A 406 9.05 19.53 4.19
N VAL A 407 8.70 19.68 2.91
CA VAL A 407 7.88 18.66 2.25
C VAL A 407 8.64 17.34 2.16
N ALA A 408 9.95 17.39 1.85
CA ALA A 408 10.72 16.15 1.79
C ALA A 408 10.80 15.49 3.16
N ILE A 409 10.99 16.31 4.22
CA ILE A 409 11.13 15.83 5.59
C ILE A 409 9.87 15.12 6.07
N LEU A 410 8.68 15.65 5.71
CA LEU A 410 7.45 14.99 6.17
C LEU A 410 7.34 13.57 5.64
N TYR A 411 7.60 13.37 4.35
CA TYR A 411 7.55 12.04 3.75
C TYR A 411 8.67 11.14 4.29
N CYS A 412 9.88 11.68 4.45
CA CYS A 412 11.02 10.90 4.94
C CYS A 412 10.85 10.41 6.38
N PHE A 413 10.33 11.24 7.28
CA PHE A 413 10.21 10.82 8.67
C PHE A 413 8.79 10.48 9.12
N VAL A 414 7.81 11.36 8.92
CA VAL A 414 6.50 11.16 9.52
C VAL A 414 5.77 10.01 8.87
N ASN A 415 5.97 9.82 7.56
CA ASN A 415 5.16 8.87 6.79
C ASN A 415 5.42 7.42 7.20
N ASN A 416 4.35 6.79 7.70
CA ASN A 416 4.43 5.44 8.25
C ASN A 416 4.76 4.42 7.18
N GLU A 417 4.17 4.56 5.98
CA GLU A 417 4.43 3.59 4.91
C GLU A 417 5.90 3.60 4.50
N VAL A 418 6.50 4.79 4.39
CA VAL A 418 7.90 4.93 4.05
C VAL A 418 8.76 4.33 5.15
N GLN A 419 8.41 4.59 6.41
CA GLN A 419 9.16 4.06 7.54
C GLN A 419 9.08 2.54 7.60
N LEU A 420 7.91 1.98 7.30
CA LEU A 420 7.72 0.53 7.32
C LEU A 420 8.51 -0.12 6.20
N GLU A 421 8.48 0.49 5.01
CA GLU A 421 9.23 -0.05 3.88
C GLU A 421 10.73 -0.01 4.19
N PHE A 422 11.19 1.07 4.83
CA PHE A 422 12.60 1.18 5.18
C PHE A 422 13.00 0.09 6.17
N ARG A 423 12.14 -0.19 7.15
CA ARG A 423 12.48 -1.22 8.14
C ARG A 423 12.51 -2.60 7.51
N LYS A 424 11.54 -2.90 6.64
CA LYS A 424 11.45 -4.19 5.98
C LYS A 424 12.65 -4.43 5.05
N SER A 425 12.94 -3.45 4.19
CA SER A 425 14.07 -3.59 3.27
C SER A 425 15.40 -3.63 4.01
N TRP A 426 15.57 -2.80 5.05
CA TRP A 426 16.82 -2.80 5.81
C TRP A 426 17.04 -4.14 6.48
N GLU A 427 15.98 -4.73 7.05
CA GLU A 427 16.12 -6.03 7.70
C GLU A 427 16.54 -7.08 6.69
N ARG A 428 15.93 -7.07 5.50
CA ARG A 428 16.30 -8.04 4.47
C ARG A 428 17.75 -7.84 4.03
N TRP A 429 18.17 -6.57 3.87
CA TRP A 429 19.54 -6.28 3.47
C TRP A 429 20.55 -6.73 4.52
N ARG A 430 20.26 -6.48 5.80
CA ARG A 430 21.16 -6.91 6.87
C ARG A 430 21.26 -8.42 6.94
N LEU A 431 20.12 -9.12 6.77
CA LEU A 431 20.13 -10.58 6.79
C LEU A 431 20.94 -11.13 5.63
N GLU A 432 20.80 -10.54 4.45
CA GLU A 432 21.49 -11.04 3.27
C GLU A 432 22.23 -9.93 2.52
N GLU B 1 3.27 37.25 -5.97
CA GLU B 1 4.49 37.86 -5.46
C GLU B 1 5.65 36.87 -5.48
N LEU B 2 6.54 37.05 -6.44
CA LEU B 2 7.69 36.15 -6.63
C LEU B 2 8.83 36.68 -5.77
N VAL B 3 9.16 35.96 -4.70
CA VAL B 3 10.13 36.45 -3.73
C VAL B 3 11.54 36.40 -4.30
N ASP B 4 11.86 35.31 -5.01
CA ASP B 4 13.18 35.14 -5.60
C ASP B 4 13.46 36.21 -6.64
N ASN B 5 12.44 36.57 -7.44
CA ASN B 5 12.60 37.60 -8.46
C ASN B 5 12.93 38.95 -7.83
N ALA B 6 12.25 39.27 -6.72
CA ALA B 6 12.51 40.52 -6.01
C ALA B 6 13.92 40.54 -5.42
N VAL B 7 14.36 39.42 -4.83
CA VAL B 7 15.72 39.36 -4.28
C VAL B 7 16.75 39.50 -5.39
N GLY B 8 16.49 38.82 -6.52
CA GLY B 8 17.40 38.85 -7.64
C GLY B 8 17.58 40.23 -8.24
N GLY B 9 16.48 40.99 -8.34
CA GLY B 9 16.56 42.34 -8.89
C GLY B 9 17.43 43.26 -8.06
N ASP B 10 17.23 43.24 -6.74
CA ASP B 10 18.03 44.09 -5.83
C ASP B 10 19.50 43.70 -5.86
N LEU B 11 19.79 42.39 -5.83
CA LEU B 11 21.16 41.92 -5.85
C LEU B 11 21.84 42.32 -7.16
N SER B 12 21.11 42.19 -8.28
CA SER B 12 21.65 42.55 -9.59
C SER B 12 21.94 44.04 -9.66
N LYS B 13 21.04 44.89 -9.14
CA LYS B 13 21.27 46.33 -9.17
C LYS B 13 22.50 46.73 -8.37
N GLN B 14 22.66 46.16 -7.17
CA GLN B 14 23.84 46.49 -6.36
C GLN B 14 25.13 46.05 -7.05
N MET B 15 25.10 44.85 -7.62
CA MET B 15 26.25 44.32 -8.33
C MET B 15 26.59 45.17 -9.54
N GLU B 16 25.56 45.61 -10.27
CA GLU B 16 25.75 46.46 -11.45
C GLU B 16 26.39 47.78 -11.07
N GLU B 17 25.96 48.39 -9.95
CA GLU B 17 26.55 49.65 -9.51
C GLU B 17 28.02 49.47 -9.19
N GLU B 18 28.35 48.36 -8.53
CA GLU B 18 29.75 48.07 -8.22
C GLU B 18 30.55 47.87 -9.50
N ALA B 19 29.96 47.19 -10.48
CA ALA B 19 30.63 46.92 -11.75
C ALA B 19 30.92 48.22 -12.49
N VAL B 20 29.98 49.16 -12.48
CA VAL B 20 30.16 50.44 -13.15
C VAL B 20 31.30 51.20 -12.47
N ARG B 21 31.35 51.15 -11.13
CA ARG B 21 32.43 51.84 -10.41
C ARG B 21 33.78 51.24 -10.78
N LEU B 22 33.84 49.91 -10.88
CA LEU B 22 35.08 49.23 -11.27
C LEU B 22 35.48 49.63 -12.68
N PHE B 23 34.52 49.73 -13.60
CA PHE B 23 34.81 50.12 -14.97
C PHE B 23 35.37 51.53 -15.03
N ILE B 24 34.79 52.46 -14.27
CA ILE B 24 35.28 53.84 -14.25
C ILE B 24 36.70 53.87 -13.69
N GLU B 25 36.95 53.07 -12.64
CA GLU B 25 38.28 53.00 -12.04
C GLU B 25 39.28 52.45 -13.05
N TRP B 26 38.87 51.43 -13.82
CA TRP B 26 39.74 50.83 -14.82
C TRP B 26 40.09 51.86 -15.89
N LEU B 27 39.11 52.64 -16.33
CA LEU B 27 39.36 53.66 -17.35
C LEU B 27 40.34 54.70 -16.85
N LYS B 28 40.15 55.15 -15.61
CA LYS B 28 41.06 56.16 -15.06
C LYS B 28 42.46 55.63 -14.87
N ASN B 29 42.59 54.43 -14.30
CA ASN B 29 43.91 53.86 -14.02
C ASN B 29 44.68 53.47 -15.27
N GLY B 30 44.02 52.84 -16.25
CA GLY B 30 44.77 52.36 -17.39
C GLY B 30 44.31 52.67 -18.81
N GLY B 31 43.06 53.08 -18.99
CA GLY B 31 42.50 53.15 -20.31
C GLY B 31 42.24 51.76 -20.83
N PRO B 32 42.61 51.51 -22.10
CA PRO B 32 42.42 50.18 -22.69
C PRO B 32 43.42 49.12 -22.27
N SER B 33 44.23 49.37 -21.22
CA SER B 33 45.29 48.48 -20.72
C SER B 33 46.32 48.10 -21.79
N ASP C 11 8.18 -16.09 -39.05
CA ASP C 11 8.23 -17.14 -38.04
C ASP C 11 8.42 -16.52 -36.67
N GLN C 12 9.66 -16.22 -36.31
CA GLN C 12 9.94 -15.66 -34.99
C GLN C 12 9.50 -14.20 -34.91
N ARG C 13 9.76 -13.43 -35.96
CA ARG C 13 9.32 -12.03 -36.02
C ARG C 13 7.80 -11.95 -36.03
N ASN C 14 7.14 -12.82 -36.80
CA ASN C 14 5.69 -12.85 -36.88
C ASN C 14 5.07 -13.24 -35.53
N GLU C 15 5.60 -14.28 -34.88
CA GLU C 15 5.04 -14.71 -33.60
C GLU C 15 5.28 -13.66 -32.51
N GLU C 16 6.45 -13.01 -32.50
CA GLU C 16 6.70 -11.97 -31.51
C GLU C 16 5.80 -10.77 -31.74
N LYS C 17 5.62 -10.35 -33.00
CA LYS C 17 4.74 -9.23 -33.30
C LYS C 17 3.28 -9.54 -32.96
N ALA C 18 2.83 -10.76 -33.30
CA ALA C 18 1.48 -11.19 -32.96
C ALA C 18 1.29 -11.27 -31.45
N GLN C 19 2.30 -11.75 -30.72
CA GLN C 19 2.21 -11.82 -29.27
C GLN C 19 2.16 -10.42 -28.68
N ARG C 20 2.88 -9.46 -29.28
CA ARG C 20 2.79 -8.07 -28.85
C ARG C 20 1.38 -7.53 -29.05
N GLU C 21 0.78 -7.83 -30.20
CA GLU C 21 -0.58 -7.37 -30.48
C GLU C 21 -1.60 -7.99 -29.53
N ALA C 22 -1.49 -9.30 -29.30
CA ALA C 22 -2.42 -9.99 -28.38
C ALA C 22 -2.24 -9.50 -26.94
N ASN C 23 -0.99 -9.30 -26.51
CA ASN C 23 -0.71 -8.79 -25.17
C ASN C 23 -1.24 -7.36 -25.01
N LYS C 24 -1.11 -6.54 -26.05
CA LYS C 24 -1.63 -5.18 -25.98
C LYS C 24 -3.16 -5.16 -25.97
N LYS C 25 -3.80 -6.02 -26.75
CA LYS C 25 -5.27 -6.11 -26.72
C LYS C 25 -5.77 -6.54 -25.35
N ILE C 26 -5.10 -7.51 -24.74
CA ILE C 26 -5.45 -7.96 -23.39
C ILE C 26 -5.18 -6.86 -22.36
N GLU C 27 -4.08 -6.12 -22.52
CA GLU C 27 -3.80 -4.99 -21.62
C GLU C 27 -4.87 -3.91 -21.72
N LYS C 28 -5.33 -3.59 -22.94
CA LYS C 28 -6.39 -2.61 -23.10
C LYS C 28 -7.70 -3.09 -22.47
N GLN C 29 -8.02 -4.38 -22.61
CA GLN C 29 -9.21 -4.92 -21.96
C GLN C 29 -9.09 -4.83 -20.44
N LEU C 30 -7.90 -5.12 -19.91
CA LEU C 30 -7.67 -4.96 -18.47
C LEU C 30 -7.78 -3.51 -18.03
N GLN C 31 -7.35 -2.56 -18.86
CA GLN C 31 -7.51 -1.14 -18.52
C GLN C 31 -8.98 -0.73 -18.44
N LYS C 32 -9.79 -1.22 -19.38
CA LYS C 32 -11.23 -0.95 -19.34
C LYS C 32 -11.85 -1.56 -18.09
N ASP C 33 -11.45 -2.80 -17.77
CA ASP C 33 -11.92 -3.46 -16.56
C ASP C 33 -11.49 -2.74 -15.30
N LYS C 34 -10.26 -2.21 -15.28
CA LYS C 34 -9.79 -1.43 -14.14
C LYS C 34 -10.62 -0.18 -13.92
N GLN C 35 -10.93 0.54 -15.02
CA GLN C 35 -11.80 1.71 -14.94
C GLN C 35 -13.17 1.38 -14.35
N VAL C 36 -13.83 0.34 -14.89
CA VAL C 36 -15.16 0.00 -14.37
C VAL C 36 -15.07 -0.57 -12.95
N TYR C 37 -13.98 -1.27 -12.62
CA TYR C 37 -13.81 -1.84 -11.28
C TYR C 37 -13.64 -0.76 -10.24
N ARG C 38 -12.82 0.25 -10.52
CA ARG C 38 -12.67 1.36 -9.58
C ARG C 38 -13.95 2.19 -9.48
N ALA C 39 -14.73 2.27 -10.57
CA ALA C 39 -16.02 2.93 -10.48
C ALA C 39 -16.99 2.21 -9.55
N THR C 40 -16.82 0.89 -9.41
CA THR C 40 -17.72 0.05 -8.62
C THR C 40 -17.34 0.08 -7.14
N HIS C 41 -18.34 0.28 -6.27
CA HIS C 41 -18.17 0.19 -4.82
C HIS C 41 -18.94 -1.03 -4.33
N ARG C 42 -18.21 -2.12 -4.07
CA ARG C 42 -18.83 -3.34 -3.58
C ARG C 42 -19.35 -3.16 -2.16
N LEU C 43 -20.48 -3.80 -1.88
CA LEU C 43 -21.06 -3.78 -0.55
C LEU C 43 -21.49 -5.19 -0.15
N LEU C 44 -21.35 -5.50 1.12
CA LEU C 44 -21.67 -6.80 1.68
C LEU C 44 -22.82 -6.66 2.66
N LEU C 45 -23.89 -7.39 2.42
CA LEU C 45 -25.06 -7.39 3.28
C LEU C 45 -25.19 -8.75 3.95
N LEU C 46 -25.06 -8.79 5.28
CA LEU C 46 -25.26 -10.02 6.01
C LEU C 46 -26.08 -9.72 7.25
N GLY C 47 -27.08 -10.56 7.50
CA GLY C 47 -27.96 -10.36 8.63
C GLY C 47 -27.65 -11.25 9.81
N SER C 205 -28.06 -20.94 -6.66
CA SER C 205 -27.23 -19.76 -6.52
C SER C 205 -26.70 -19.64 -5.10
N GLY C 206 -25.40 -19.46 -4.98
CA GLY C 206 -24.78 -19.35 -3.68
C GLY C 206 -24.62 -17.93 -3.19
N ILE C 207 -24.76 -16.95 -4.10
CA ILE C 207 -24.63 -15.55 -3.76
C ILE C 207 -25.55 -14.76 -4.68
N PHE C 208 -26.26 -13.80 -4.11
CA PHE C 208 -27.22 -12.98 -4.83
C PHE C 208 -26.68 -11.57 -4.95
N GLU C 209 -26.75 -11.02 -6.16
CA GLU C 209 -26.20 -9.71 -6.47
C GLU C 209 -27.31 -8.70 -6.67
N THR C 210 -27.20 -7.57 -5.99
CA THR C 210 -28.12 -6.46 -6.17
C THR C 210 -27.31 -5.26 -6.64
N LYS C 211 -27.61 -4.78 -7.83
CA LYS C 211 -26.90 -3.67 -8.44
C LYS C 211 -27.81 -2.44 -8.47
N PHE C 212 -27.26 -1.30 -8.06
CA PHE C 212 -27.99 -0.05 -8.12
C PHE C 212 -26.99 1.10 -8.20
N GLN C 213 -27.53 2.29 -8.44
CA GLN C 213 -26.70 3.49 -8.54
C GLN C 213 -27.47 4.67 -8.00
N VAL C 214 -26.80 5.45 -7.15
CA VAL C 214 -27.36 6.65 -6.54
C VAL C 214 -26.40 7.78 -6.85
N ASP C 215 -26.86 8.77 -7.63
CA ASP C 215 -26.05 9.87 -8.16
C ASP C 215 -24.85 9.34 -8.94
N LYS C 216 -25.14 8.48 -9.91
CA LYS C 216 -24.23 8.00 -10.94
C LYS C 216 -23.05 7.20 -10.39
N VAL C 217 -23.12 6.76 -9.14
CA VAL C 217 -22.05 5.97 -8.51
C VAL C 217 -22.58 4.55 -8.34
N ASN C 218 -21.87 3.59 -8.91
CA ASN C 218 -22.37 2.24 -9.02
C ASN C 218 -22.04 1.41 -7.78
N PHE C 219 -23.07 0.82 -7.18
CA PHE C 219 -22.96 0.01 -5.98
C PHE C 219 -23.44 -1.40 -6.31
N HIS C 220 -22.52 -2.35 -6.32
CA HIS C 220 -22.90 -3.76 -6.42
C HIS C 220 -22.96 -4.30 -5.00
N MET C 221 -24.16 -4.69 -4.58
CA MET C 221 -24.39 -5.24 -3.25
C MET C 221 -24.61 -6.73 -3.38
N PHE C 222 -23.85 -7.50 -2.61
CA PHE C 222 -23.90 -8.95 -2.65
C PHE C 222 -24.43 -9.55 -1.36
N ASP C 223 -25.41 -10.42 -1.47
CA ASP C 223 -26.00 -11.11 -0.34
C ASP C 223 -25.74 -12.60 -0.50
N VAL C 224 -25.25 -13.24 0.57
CA VAL C 224 -24.97 -14.66 0.53
C VAL C 224 -26.25 -15.44 0.30
N GLY C 225 -26.17 -16.49 -0.50
CA GLY C 225 -27.35 -17.27 -0.79
C GLY C 225 -27.44 -18.49 0.08
N ALA C 226 -27.29 -19.66 -0.52
CA ALA C 226 -27.30 -20.93 0.19
C ALA C 226 -25.89 -21.24 0.68
N GLN C 227 -25.52 -20.57 1.76
CA GLN C 227 -24.23 -20.79 2.40
C GLN C 227 -24.45 -21.35 3.79
N ARG C 228 -23.71 -22.40 4.11
CA ARG C 228 -23.75 -23.05 5.41
C ARG C 228 -23.35 -22.07 6.50
N ASP C 229 -23.91 -22.26 7.70
CA ASP C 229 -23.94 -21.20 8.70
C ASP C 229 -22.57 -20.93 9.32
N GLU C 230 -21.62 -21.83 9.19
CA GLU C 230 -20.27 -21.55 9.68
C GLU C 230 -19.57 -20.58 8.75
N ARG C 231 -19.02 -19.51 9.30
CA ARG C 231 -18.70 -18.33 8.53
C ARG C 231 -17.23 -17.99 8.42
N ARG C 232 -16.35 -18.73 9.08
CA ARG C 232 -14.98 -18.22 9.27
C ARG C 232 -14.17 -18.27 7.97
N LYS C 233 -14.35 -19.30 7.16
CA LYS C 233 -13.53 -19.43 5.95
C LYS C 233 -13.92 -18.43 4.86
N TRP C 234 -15.19 -18.39 4.48
CA TRP C 234 -15.57 -17.57 3.33
C TRP C 234 -15.56 -16.07 3.60
N ILE C 235 -15.79 -15.63 4.84
CA ILE C 235 -15.77 -14.20 5.18
C ILE C 235 -14.42 -13.54 4.88
N GLN C 236 -13.32 -14.29 5.03
CA GLN C 236 -11.98 -13.78 4.77
C GLN C 236 -11.80 -13.21 3.36
N CYS C 237 -12.51 -13.77 2.38
CA CYS C 237 -12.49 -13.22 1.03
C CYS C 237 -13.06 -11.81 0.96
N PHE C 238 -13.94 -11.45 1.88
CA PHE C 238 -14.66 -10.18 1.81
C PHE C 238 -13.93 -9.01 2.46
N ASN C 239 -12.64 -9.15 2.78
CA ASN C 239 -11.89 -8.03 3.34
C ASN C 239 -11.72 -6.89 2.35
N ASP C 240 -11.68 -7.19 1.05
CA ASP C 240 -11.50 -6.18 0.00
C ASP C 240 -12.67 -5.21 -0.11
N VAL C 241 -13.80 -5.48 0.54
CA VAL C 241 -15.03 -4.69 0.33
C VAL C 241 -14.88 -3.32 0.97
N THR C 242 -15.70 -2.38 0.51
CA THR C 242 -15.67 -1.03 1.08
C THR C 242 -16.33 -1.00 2.44
N ALA C 243 -17.50 -1.63 2.57
CA ALA C 243 -18.25 -1.59 3.81
C ALA C 243 -19.14 -2.81 3.90
N ILE C 244 -19.43 -3.22 5.12
CA ILE C 244 -20.34 -4.33 5.40
C ILE C 244 -21.60 -3.73 5.97
N ILE C 245 -22.73 -3.97 5.33
CA ILE C 245 -24.02 -3.60 5.88
C ILE C 245 -24.46 -4.73 6.79
N PHE C 246 -24.67 -4.40 8.06
CA PHE C 246 -24.97 -5.38 9.09
C PHE C 246 -26.36 -5.04 9.60
N VAL C 247 -27.32 -5.93 9.38
CA VAL C 247 -28.70 -5.68 9.74
C VAL C 247 -29.12 -6.70 10.79
N VAL C 248 -29.78 -6.22 11.85
CA VAL C 248 -30.17 -7.06 12.98
C VAL C 248 -31.66 -6.87 13.22
N ALA C 249 -32.17 -7.56 14.24
CA ALA C 249 -33.56 -7.43 14.62
C ALA C 249 -33.70 -7.47 16.14
N ASN C 264 -32.73 -15.62 22.13
CA ASN C 264 -31.91 -14.46 22.42
C ASN C 264 -31.12 -14.09 21.17
N ARG C 265 -31.80 -13.41 20.25
CA ARG C 265 -31.24 -13.13 18.94
C ARG C 265 -30.23 -11.99 19.00
N LEU C 266 -30.52 -10.99 19.82
CA LEU C 266 -29.68 -9.79 19.92
C LEU C 266 -28.29 -10.12 20.45
N GLN C 267 -28.20 -11.03 21.42
CA GLN C 267 -26.91 -11.43 21.96
C GLN C 267 -26.07 -12.16 20.90
N ALA C 268 -26.71 -13.02 20.09
CA ALA C 268 -26.00 -13.68 19.01
C ALA C 268 -25.50 -12.69 17.97
N ALA C 269 -26.32 -11.68 17.66
CA ALA C 269 -25.89 -10.63 16.74
C ALA C 269 -24.72 -9.82 17.30
N LEU C 270 -24.74 -9.55 18.61
CA LEU C 270 -23.63 -8.84 19.25
C LEU C 270 -22.34 -9.66 19.21
N LYS C 271 -22.44 -10.96 19.49
CA LYS C 271 -21.27 -11.84 19.43
C LYS C 271 -20.73 -11.93 18.00
N LEU C 272 -21.62 -11.95 17.02
CA LEU C 272 -21.20 -11.97 15.61
C LEU C 272 -20.49 -10.68 15.22
N PHE C 273 -21.06 -9.53 15.60
CA PHE C 273 -20.42 -8.24 15.33
C PHE C 273 -19.06 -8.13 16.00
N ASP C 274 -18.93 -8.63 17.22
CA ASP C 274 -17.64 -8.62 17.89
C ASP C 274 -16.63 -9.50 17.16
N SER C 275 -17.08 -10.66 16.66
CA SER C 275 -16.20 -11.54 15.91
C SER C 275 -15.73 -10.89 14.61
N ILE C 276 -16.64 -10.20 13.92
CA ILE C 276 -16.26 -9.49 12.69
C ILE C 276 -15.31 -8.35 13.00
N TRP C 277 -15.55 -7.62 14.09
CA TRP C 277 -14.74 -6.45 14.43
C TRP C 277 -13.33 -6.85 14.85
N ASN C 278 -13.20 -7.92 15.63
CA ASN C 278 -11.91 -8.31 16.18
C ASN C 278 -11.18 -9.34 15.32
N ASN C 279 -11.56 -9.49 14.07
CA ASN C 279 -10.88 -10.44 13.20
C ASN C 279 -9.53 -9.87 12.79
N LYS C 280 -8.61 -10.77 12.44
CA LYS C 280 -7.28 -10.35 12.01
C LYS C 280 -7.25 -9.78 10.60
N TRP C 281 -8.29 -10.01 9.81
CA TRP C 281 -8.31 -9.55 8.43
C TRP C 281 -9.37 -8.52 8.15
N LEU C 282 -10.35 -8.37 9.02
CA LEU C 282 -11.44 -7.44 8.81
C LEU C 282 -11.19 -6.10 9.50
N ARG C 283 -9.94 -5.81 9.83
CA ARG C 283 -9.59 -4.57 10.52
C ARG C 283 -9.68 -3.35 9.61
N ASP C 284 -9.78 -3.54 8.30
CA ASP C 284 -9.86 -2.41 7.39
C ASP C 284 -11.27 -2.12 6.93
N THR C 285 -12.20 -3.05 7.13
CA THR C 285 -13.57 -2.87 6.64
C THR C 285 -14.41 -2.15 7.69
N SER C 286 -15.09 -1.11 7.27
CA SER C 286 -16.05 -0.44 8.13
C SER C 286 -17.36 -1.22 8.12
N VAL C 287 -18.01 -1.29 9.27
CA VAL C 287 -19.30 -1.96 9.40
C VAL C 287 -20.40 -0.91 9.50
N ILE C 288 -21.39 -1.02 8.63
CA ILE C 288 -22.57 -0.16 8.68
C ILE C 288 -23.67 -0.96 9.35
N LEU C 289 -24.30 -0.39 10.37
CA LEU C 289 -25.20 -1.11 11.24
C LEU C 289 -26.62 -0.59 11.07
N PHE C 290 -27.59 -1.50 10.91
CA PHE C 290 -29.00 -1.16 10.82
C PHE C 290 -29.76 -1.88 11.91
N LEU C 291 -30.60 -1.13 12.64
CA LEU C 291 -31.39 -1.70 13.73
C LEU C 291 -32.84 -1.85 13.29
N ASN C 292 -33.11 -2.93 12.57
CA ASN C 292 -34.48 -3.23 12.16
C ASN C 292 -35.25 -3.80 13.35
N LYS C 293 -36.58 -3.74 13.25
CA LYS C 293 -37.53 -4.29 14.22
C LYS C 293 -37.28 -3.72 15.60
N GLN C 294 -37.54 -2.42 15.76
CA GLN C 294 -37.32 -1.71 17.01
C GLN C 294 -38.09 -2.34 18.17
N ASP C 295 -37.36 -2.68 19.23
CA ASP C 295 -37.94 -3.37 20.37
C ASP C 295 -38.60 -2.39 21.32
N ILE C 308 -35.12 -8.08 24.70
CA ILE C 308 -36.07 -7.02 24.97
C ILE C 308 -35.61 -6.29 26.24
N GLU C 309 -36.21 -6.67 27.37
CA GLU C 309 -35.87 -6.13 28.68
C GLU C 309 -35.46 -7.20 29.68
N ASP C 310 -35.81 -8.45 29.43
CA ASP C 310 -35.55 -9.53 30.38
C ASP C 310 -34.09 -9.97 30.34
N TYR C 311 -33.54 -10.08 29.15
CA TYR C 311 -32.19 -10.61 28.94
C TYR C 311 -31.10 -9.68 29.44
N PHE C 312 -31.42 -8.41 29.69
CA PHE C 312 -30.44 -7.38 30.02
C PHE C 312 -30.79 -6.77 31.36
N PRO C 313 -30.28 -7.30 32.47
CA PRO C 313 -30.47 -6.64 33.77
C PRO C 313 -29.57 -5.43 33.99
N GLU C 314 -28.77 -5.04 33.00
CA GLU C 314 -28.12 -3.74 32.98
C GLU C 314 -29.00 -2.65 32.39
N PHE C 315 -30.17 -3.00 31.85
CA PHE C 315 -31.05 -2.03 31.22
C PHE C 315 -31.77 -1.17 32.25
N ALA C 316 -31.96 -1.66 33.48
CA ALA C 316 -32.70 -0.90 34.48
C ALA C 316 -31.92 0.30 34.99
N ARG C 317 -30.59 0.23 34.94
CA ARG C 317 -29.71 1.30 35.39
C ARG C 317 -29.37 2.30 34.28
N TYR C 318 -30.12 2.29 33.19
CA TYR C 318 -29.74 3.03 31.99
C TYR C 318 -30.50 4.34 31.87
N THR C 319 -29.78 5.37 31.44
CA THR C 319 -30.35 6.68 31.13
C THR C 319 -30.13 6.99 29.66
N THR C 320 -31.07 7.74 29.08
CA THR C 320 -31.03 8.11 27.67
C THR C 320 -29.84 9.02 27.41
N PRO C 321 -29.11 8.83 26.28
CA PRO C 321 -28.03 9.75 25.96
C PRO C 321 -28.59 11.10 25.55
N GLU C 322 -28.49 12.09 26.43
CA GLU C 322 -29.14 13.37 26.17
C GLU C 322 -28.34 14.25 25.23
N ASP C 323 -27.14 13.84 24.83
CA ASP C 323 -26.49 14.49 23.70
C ASP C 323 -27.20 14.18 22.40
N ALA C 324 -27.84 13.02 22.30
CA ALA C 324 -28.56 12.62 21.11
C ALA C 324 -29.99 13.16 21.13
N THR C 325 -30.53 13.34 19.93
CA THR C 325 -31.86 13.90 19.75
C THR C 325 -32.86 12.78 19.48
N PRO C 326 -33.81 12.52 20.38
CA PRO C 326 -34.80 11.47 20.14
C PRO C 326 -35.78 11.86 19.04
N GLU C 327 -36.08 10.90 18.18
CA GLU C 327 -37.02 11.14 17.09
C GLU C 327 -38.45 11.22 17.65
N PRO C 328 -39.19 12.26 17.33
CA PRO C 328 -40.45 12.54 18.03
C PRO C 328 -41.58 11.61 17.63
N GLY C 329 -42.69 11.74 18.35
CA GLY C 329 -43.89 10.96 18.08
C GLY C 329 -43.76 9.49 18.41
N GLU C 330 -43.13 9.16 19.54
CA GLU C 330 -42.84 7.77 19.88
C GLU C 330 -43.01 7.56 21.38
N ASP C 331 -42.55 6.38 21.83
CA ASP C 331 -42.51 5.70 23.13
C ASP C 331 -41.16 5.94 23.80
N PRO C 332 -41.14 6.44 25.05
CA PRO C 332 -39.86 6.56 25.79
C PRO C 332 -39.14 5.24 26.03
N ARG C 333 -39.88 4.13 26.17
CA ARG C 333 -39.24 2.83 26.37
C ARG C 333 -38.58 2.35 25.08
N VAL C 334 -39.23 2.60 23.94
CA VAL C 334 -38.65 2.24 22.64
C VAL C 334 -37.37 3.02 22.40
N THR C 335 -37.39 4.33 22.70
CA THR C 335 -36.20 5.16 22.54
C THR C 335 -35.10 4.73 23.49
N ARG C 336 -35.45 4.42 24.74
CA ARG C 336 -34.46 3.97 25.72
C ARG C 336 -33.83 2.64 25.31
N ALA C 337 -34.64 1.70 24.82
CA ALA C 337 -34.11 0.41 24.37
C ALA C 337 -33.27 0.56 23.12
N LYS C 338 -33.71 1.42 22.19
CA LYS C 338 -32.99 1.64 20.94
C LYS C 338 -31.60 2.20 21.20
N TYR C 339 -31.52 3.26 22.01
CA TYR C 339 -30.23 3.79 22.38
C TYR C 339 -29.41 2.83 23.23
N PHE C 340 -30.07 1.99 24.05
CA PHE C 340 -29.32 0.99 24.83
C PHE C 340 -28.61 0.00 23.93
N ILE C 341 -29.31 -0.50 22.90
CA ILE C 341 -28.70 -1.42 21.95
C ILE C 341 -27.58 -0.72 21.18
N ARG C 342 -27.82 0.53 20.79
CA ARG C 342 -26.80 1.31 20.08
C ARG C 342 -25.56 1.50 20.95
N ASP C 343 -25.74 1.76 22.23
CA ASP C 343 -24.61 1.89 23.15
C ASP C 343 -23.86 0.58 23.33
N GLU C 344 -24.57 -0.56 23.36
CA GLU C 344 -23.86 -1.84 23.44
C GLU C 344 -23.01 -2.11 22.20
N PHE C 345 -23.55 -1.78 21.02
CA PHE C 345 -22.74 -1.89 19.81
C PHE C 345 -21.55 -0.93 19.83
N LEU C 346 -21.75 0.28 20.35
CA LEU C 346 -20.63 1.22 20.48
C LEU C 346 -19.56 0.75 21.44
N ARG C 347 -19.96 0.19 22.59
CA ARG C 347 -18.95 -0.31 23.54
C ARG C 347 -18.18 -1.49 22.95
N ILE C 348 -18.84 -2.35 22.18
CA ILE C 348 -18.09 -3.40 21.49
C ILE C 348 -17.17 -2.79 20.44
N SER C 349 -17.64 -1.77 19.72
CA SER C 349 -16.85 -1.14 18.67
C SER C 349 -15.59 -0.46 19.19
N THR C 350 -15.70 0.25 20.32
CA THR C 350 -14.59 1.07 20.80
C THR C 350 -13.41 0.26 21.33
N ALA C 351 -13.59 -1.04 21.59
CA ALA C 351 -12.50 -1.88 22.09
C ALA C 351 -11.53 -2.17 20.97
N SER C 352 -10.35 -1.52 21.04
CA SER C 352 -9.26 -1.62 20.06
C SER C 352 -9.73 -1.25 18.64
N GLY C 353 -10.42 -0.12 18.55
CA GLY C 353 -10.83 0.40 17.25
C GLY C 353 -9.66 1.04 16.52
N ASP C 354 -9.04 2.04 17.15
CA ASP C 354 -7.79 2.70 16.76
C ASP C 354 -7.89 3.44 15.42
N GLY C 355 -9.10 3.68 14.92
CA GLY C 355 -9.27 4.39 13.67
C GLY C 355 -8.97 3.60 12.42
N ARG C 356 -8.68 2.30 12.54
CA ARG C 356 -8.46 1.47 11.34
C ARG C 356 -9.73 1.33 10.53
N HIS C 357 -10.88 1.33 11.20
CA HIS C 357 -12.18 1.10 10.61
C HIS C 357 -13.24 1.55 11.60
N TYR C 358 -14.39 1.94 11.08
CA TYR C 358 -15.38 2.59 11.91
C TYR C 358 -16.71 1.87 11.82
N CYS C 359 -17.57 2.13 12.80
CA CYS C 359 -18.90 1.56 12.85
C CYS C 359 -19.92 2.68 12.82
N TYR C 360 -20.87 2.60 11.91
CA TYR C 360 -21.92 3.59 11.86
C TYR C 360 -23.24 2.98 12.29
N PRO C 361 -23.87 3.48 13.34
CA PRO C 361 -25.18 2.95 13.75
C PRO C 361 -26.32 3.74 13.16
N HIS C 362 -27.33 3.07 12.61
CA HIS C 362 -28.48 3.72 12.01
C HIS C 362 -29.77 3.05 12.46
N PHE C 363 -30.89 3.67 12.08
CA PHE C 363 -32.21 3.20 12.50
C PHE C 363 -33.11 3.10 11.28
N THR C 364 -33.97 2.08 11.26
CA THR C 364 -34.98 1.98 10.22
C THR C 364 -36.39 2.24 10.77
N ASN C 371 -32.96 4.90 3.37
CA ASN C 371 -32.15 3.75 3.73
C ASN C 371 -30.98 3.61 2.79
N ILE C 372 -31.21 4.01 1.54
CA ILE C 372 -30.18 3.92 0.52
C ILE C 372 -29.28 5.14 0.58
N ARG C 373 -29.88 6.31 0.83
CA ARG C 373 -29.13 7.55 0.96
C ARG C 373 -28.21 7.50 2.18
N ARG C 374 -28.66 6.86 3.26
CA ARG C 374 -27.83 6.69 4.46
C ARG C 374 -26.59 5.86 4.15
N VAL C 375 -26.76 4.78 3.37
CA VAL C 375 -25.65 3.96 2.94
C VAL C 375 -24.72 4.75 2.01
N PHE C 376 -25.30 5.55 1.12
CA PHE C 376 -24.52 6.37 0.20
C PHE C 376 -23.66 7.39 0.94
N ASN C 377 -24.24 8.08 1.92
CA ASN C 377 -23.50 9.05 2.72
C ASN C 377 -22.41 8.38 3.54
N ASP C 378 -22.71 7.21 4.10
CA ASP C 378 -21.73 6.50 4.90
C ASP C 378 -20.57 6.01 4.05
N CYS C 379 -20.84 5.52 2.83
CA CYS C 379 -19.76 5.12 1.93
C CYS C 379 -18.89 6.30 1.52
N ARG C 380 -19.51 7.45 1.27
CA ARG C 380 -18.73 8.66 0.99
C ARG C 380 -17.86 9.05 2.18
N ASP C 381 -18.40 8.91 3.39
CA ASP C 381 -17.64 9.18 4.60
C ASP C 381 -16.44 8.24 4.73
N ILE C 382 -16.63 6.96 4.44
CA ILE C 382 -15.55 5.98 4.55
C ILE C 382 -14.46 6.29 3.54
N ILE C 383 -14.84 6.65 2.31
CA ILE C 383 -13.86 6.97 1.28
C ILE C 383 -13.08 8.23 1.64
N GLN C 384 -13.76 9.25 2.16
CA GLN C 384 -13.06 10.47 2.55
C GLN C 384 -12.11 10.23 3.73
N ARG C 385 -12.52 9.42 4.71
CA ARG C 385 -11.61 9.09 5.81
C ARG C 385 -10.40 8.30 5.32
N MET C 386 -10.61 7.40 4.35
CA MET C 386 -9.51 6.61 3.79
C MET C 386 -8.52 7.50 3.04
N HIS C 387 -9.02 8.48 2.29
CA HIS C 387 -8.15 9.42 1.59
C HIS C 387 -7.37 10.31 2.55
N LEU C 388 -8.03 10.80 3.62
CA LEU C 388 -7.30 11.58 4.62
C LEU C 388 -6.23 10.73 5.31
N ARG C 389 -6.50 9.46 5.53
CA ARG C 389 -5.49 8.56 6.11
C ARG C 389 -4.30 8.39 5.18
N GLN C 390 -4.53 8.35 3.86
CA GLN C 390 -3.43 8.25 2.91
C GLN C 390 -2.50 9.47 2.98
N TYR C 391 -3.06 10.66 3.08
CA TYR C 391 -2.26 11.87 3.17
C TYR C 391 -1.73 12.14 4.57
N GLU C 392 -2.08 11.31 5.55
CA GLU C 392 -1.68 11.44 6.96
C GLU C 392 -2.09 12.79 7.54
N LEU C 393 -3.25 13.30 7.13
CA LEU C 393 -3.78 14.47 7.81
C LEU C 393 -4.35 14.08 9.16
N LEU C 394 -5.09 12.98 9.22
CA LEU C 394 -5.66 12.50 10.46
C LEU C 394 -4.65 11.63 11.21
N GLU D 13 -29.23 -46.14 23.55
CA GLU D 13 -28.51 -46.66 22.39
C GLU D 13 -27.25 -45.84 22.14
N LEU D 14 -27.39 -44.53 22.37
CA LEU D 14 -26.29 -43.59 22.17
C LEU D 14 -25.13 -43.88 23.10
N ASP D 15 -25.42 -44.20 24.36
CA ASP D 15 -24.37 -44.44 25.35
C ASP D 15 -23.55 -45.68 25.01
N GLN D 16 -24.22 -46.79 24.69
CA GLN D 16 -23.50 -48.01 24.32
C GLN D 16 -22.75 -47.87 23.00
N LEU D 17 -23.36 -47.21 22.01
CA LEU D 17 -22.66 -46.97 20.75
C LEU D 17 -21.44 -46.06 20.94
N ARG D 18 -21.58 -45.03 21.79
CA ARG D 18 -20.49 -44.14 22.13
C ARG D 18 -19.36 -44.89 22.82
N GLN D 19 -19.71 -45.81 23.72
CA GLN D 19 -18.72 -46.66 24.37
C GLN D 19 -17.99 -47.53 23.34
N GLU D 20 -18.73 -48.10 22.38
CA GLU D 20 -18.11 -48.91 21.33
C GLU D 20 -17.16 -48.09 20.47
N ALA D 21 -17.55 -46.87 20.11
CA ALA D 21 -16.69 -45.99 19.34
C ALA D 21 -15.44 -45.61 20.12
N GLU D 22 -15.59 -45.34 21.42
CA GLU D 22 -14.46 -45.03 22.28
C GLU D 22 -13.48 -46.20 22.36
N GLN D 23 -14.02 -47.41 22.51
CA GLN D 23 -13.21 -48.62 22.56
C GLN D 23 -12.47 -48.85 21.25
N LEU D 24 -13.16 -48.69 20.13
CA LEU D 24 -12.54 -48.91 18.82
C LEU D 24 -11.49 -47.86 18.50
N LYS D 25 -11.73 -46.59 18.83
CA LYS D 25 -10.71 -45.56 18.63
C LYS D 25 -9.50 -45.83 19.49
N ASN D 26 -9.70 -46.31 20.72
CA ASN D 26 -8.59 -46.69 21.58
C ASN D 26 -7.80 -47.84 20.95
N GLN D 27 -8.50 -48.80 20.35
CA GLN D 27 -7.81 -49.90 19.66
C GLN D 27 -6.98 -49.40 18.49
N ILE D 28 -7.51 -48.46 17.69
CA ILE D 28 -6.76 -47.92 16.56
C ILE D 28 -5.53 -47.15 17.04
N ARG D 29 -5.68 -46.38 18.11
CA ARG D 29 -4.54 -45.64 18.67
C ARG D 29 -3.48 -46.59 19.20
N ASP D 30 -3.88 -47.57 20.01
CA ASP D 30 -2.95 -48.59 20.50
C ASP D 30 -2.24 -49.34 19.37
N ALA D 31 -2.97 -49.69 18.30
CA ALA D 31 -2.37 -50.36 17.16
C ALA D 31 -1.35 -49.49 16.46
N ARG D 32 -1.66 -48.20 16.25
CA ARG D 32 -0.70 -47.29 15.64
C ARG D 32 0.52 -47.09 16.53
N LYS D 33 0.31 -47.00 17.84
CA LYS D 33 1.42 -46.84 18.78
C LYS D 33 2.32 -48.07 18.78
N ALA D 34 1.72 -49.27 18.72
CA ALA D 34 2.53 -50.49 18.64
C ALA D 34 3.31 -50.52 17.33
N CYS D 35 2.69 -50.09 16.23
CA CYS D 35 3.41 -49.99 14.96
C CYS D 35 4.46 -48.89 14.97
N ALA D 36 4.34 -47.90 15.84
CA ALA D 36 5.36 -46.86 15.96
C ALA D 36 6.60 -47.44 16.62
N ASP D 37 7.70 -47.51 15.86
CA ASP D 37 8.97 -48.01 16.39
C ASP D 37 10.00 -46.92 16.61
N ALA D 38 9.93 -45.83 15.86
CA ALA D 38 10.90 -44.76 15.96
C ALA D 38 10.29 -43.48 15.44
N THR D 39 11.06 -42.41 15.50
CA THR D 39 10.76 -41.18 14.79
C THR D 39 11.64 -41.11 13.55
N LEU D 40 11.29 -40.24 12.61
CA LEU D 40 12.12 -40.11 11.41
C LEU D 40 13.46 -39.47 11.73
N SER D 41 13.49 -38.63 12.77
CA SER D 41 14.71 -37.91 13.15
C SER D 41 15.81 -38.85 13.62
N GLN D 42 15.44 -39.91 14.36
CA GLN D 42 16.42 -40.83 14.93
C GLN D 42 17.23 -41.54 13.87
N ILE D 43 16.56 -42.11 12.87
CA ILE D 43 17.27 -42.79 11.80
C ILE D 43 17.91 -41.82 10.82
N THR D 44 17.25 -40.71 10.51
CA THR D 44 17.72 -39.78 9.49
C THR D 44 18.65 -38.70 10.00
N ASN D 45 19.11 -38.77 11.26
CA ASN D 45 20.09 -37.79 11.73
C ASN D 45 21.39 -37.85 10.95
N ASN D 46 21.82 -39.03 10.55
CA ASN D 46 23.09 -39.17 9.84
C ASN D 46 23.08 -38.66 8.35
N ILE D 47 22.13 -37.88 7.82
CA ILE D 47 22.16 -37.41 6.44
C ILE D 47 22.74 -36.00 6.41
N ASP D 48 23.42 -35.66 5.31
CA ASP D 48 23.86 -34.30 5.08
C ASP D 48 22.67 -33.37 4.97
N PRO D 49 22.68 -32.22 5.66
CA PRO D 49 21.58 -31.26 5.50
C PRO D 49 21.75 -30.46 4.22
N VAL D 50 20.69 -29.72 3.89
CA VAL D 50 20.69 -28.90 2.68
C VAL D 50 21.64 -27.72 2.86
N GLY D 51 21.80 -27.24 4.08
CA GLY D 51 22.49 -25.99 4.31
C GLY D 51 21.51 -24.86 4.09
N ARG D 52 21.88 -23.87 3.30
CA ARG D 52 20.99 -22.80 2.92
C ARG D 52 21.16 -22.50 1.45
N ILE D 53 20.06 -22.45 0.72
CA ILE D 53 20.02 -21.89 -0.63
C ILE D 53 18.86 -20.91 -0.66
N GLN D 54 19.18 -19.63 -0.82
CA GLN D 54 18.12 -18.65 -0.99
C GLN D 54 17.81 -18.49 -2.47
N MET D 55 16.57 -18.15 -2.76
CA MET D 55 16.11 -18.05 -4.14
C MET D 55 15.99 -16.59 -4.54
N ARG D 56 16.02 -16.37 -5.85
CA ARG D 56 15.94 -15.03 -6.40
C ARG D 56 14.67 -14.92 -7.20
N THR D 57 13.99 -13.78 -7.08
CA THR D 57 12.82 -13.50 -7.91
C THR D 57 13.27 -13.34 -9.35
N ARG D 58 12.58 -13.98 -10.27
CA ARG D 58 12.96 -13.92 -11.66
C ARG D 58 11.89 -13.27 -12.53
N ARG D 59 10.63 -13.55 -12.27
CA ARG D 59 9.53 -12.95 -13.01
C ARG D 59 8.57 -12.33 -12.01
N THR D 60 7.82 -11.35 -12.49
CA THR D 60 6.79 -10.70 -11.68
C THR D 60 5.59 -10.46 -12.58
N LEU D 61 4.53 -11.21 -12.36
CA LEU D 61 3.35 -11.18 -13.21
C LEU D 61 2.35 -10.22 -12.59
N ARG D 62 2.28 -9.01 -13.13
CA ARG D 62 1.42 -7.95 -12.60
C ARG D 62 0.35 -7.61 -13.65
N GLY D 63 -0.77 -8.31 -13.57
CA GLY D 63 -1.91 -7.97 -14.41
C GLY D 63 -3.20 -7.92 -13.64
N HIS D 64 -3.21 -8.47 -12.43
CA HIS D 64 -4.46 -8.54 -11.70
C HIS D 64 -4.73 -7.23 -10.96
N LEU D 65 -5.99 -7.07 -10.57
CA LEU D 65 -6.44 -5.91 -9.81
C LEU D 65 -6.72 -6.27 -8.37
N ALA D 66 -7.58 -7.25 -8.13
CA ALA D 66 -7.93 -7.67 -6.79
C ALA D 66 -6.91 -8.73 -6.34
N LYS D 67 -7.19 -9.39 -5.22
CA LYS D 67 -6.22 -10.32 -4.66
C LYS D 67 -6.22 -11.64 -5.40
N ILE D 68 -5.03 -12.21 -5.57
CA ILE D 68 -4.84 -13.46 -6.30
C ILE D 68 -5.11 -14.60 -5.32
N TYR D 69 -6.20 -15.32 -5.54
CA TYR D 69 -6.61 -16.29 -4.54
C TYR D 69 -6.08 -17.69 -4.82
N ALA D 70 -5.85 -18.03 -6.09
CA ALA D 70 -5.43 -19.38 -6.43
C ALA D 70 -4.69 -19.39 -7.76
N MET D 71 -3.65 -20.21 -7.85
CA MET D 71 -2.88 -20.39 -9.08
C MET D 71 -2.66 -21.86 -9.33
N HIS D 72 -2.64 -22.24 -10.61
CA HIS D 72 -2.34 -23.62 -10.98
C HIS D 72 -1.41 -23.68 -12.18
N TRP D 73 -0.30 -24.40 -12.04
CA TRP D 73 0.61 -24.63 -13.15
C TRP D 73 0.00 -25.54 -14.20
N GLY D 74 0.67 -25.62 -15.34
CA GLY D 74 0.33 -26.56 -16.38
C GLY D 74 1.39 -27.63 -16.49
N THR D 75 1.08 -28.76 -17.12
CA THR D 75 2.09 -29.81 -17.27
C THR D 75 3.17 -29.42 -18.26
N ASP D 76 2.88 -28.46 -19.13
CA ASP D 76 3.87 -27.97 -20.08
C ASP D 76 4.96 -27.18 -19.37
N SER D 77 4.61 -26.54 -18.24
CA SER D 77 5.38 -25.61 -17.40
C SER D 77 5.66 -24.28 -18.09
N ARG D 78 5.32 -24.14 -19.37
CA ARG D 78 5.38 -22.88 -20.07
C ARG D 78 4.34 -21.91 -19.53
N LEU D 79 3.21 -22.42 -19.05
CA LEU D 79 2.00 -21.65 -18.85
C LEU D 79 1.43 -21.90 -17.46
N LEU D 80 0.98 -20.84 -16.80
CA LEU D 80 0.29 -20.95 -15.52
C LEU D 80 -1.03 -20.18 -15.58
N VAL D 81 -1.98 -20.62 -14.76
CA VAL D 81 -3.31 -20.02 -14.67
C VAL D 81 -3.45 -19.39 -13.29
N SER D 82 -3.91 -18.14 -13.25
CA SER D 82 -4.13 -17.45 -11.98
C SER D 82 -5.52 -16.83 -11.98
N ALA D 83 -6.17 -16.86 -10.82
CA ALA D 83 -7.54 -16.35 -10.67
C ALA D 83 -7.58 -15.33 -9.56
N SER D 84 -8.01 -14.12 -9.88
CA SER D 84 -8.15 -13.07 -8.88
C SER D 84 -9.59 -13.00 -8.39
N GLN D 85 -9.90 -11.96 -7.62
CA GLN D 85 -11.25 -11.71 -7.15
C GLN D 85 -11.98 -10.65 -7.97
N ASP D 86 -11.31 -10.03 -8.93
CA ASP D 86 -11.96 -9.04 -9.78
C ASP D 86 -12.73 -9.68 -10.93
N GLY D 87 -12.81 -11.00 -10.95
CA GLY D 87 -13.47 -11.69 -12.04
C GLY D 87 -12.63 -11.86 -13.27
N LYS D 88 -11.31 -12.01 -13.11
CA LYS D 88 -10.42 -12.23 -14.25
C LYS D 88 -9.60 -13.48 -14.04
N LEU D 89 -9.64 -14.36 -15.03
CA LEU D 89 -8.86 -15.58 -15.06
C LEU D 89 -7.86 -15.42 -16.19
N ILE D 90 -6.57 -15.42 -15.86
CA ILE D 90 -5.51 -15.07 -16.80
C ILE D 90 -4.53 -16.22 -16.94
N ILE D 91 -4.31 -16.66 -18.17
CA ILE D 91 -3.37 -17.74 -18.48
C ILE D 91 -2.06 -17.08 -18.89
N TRP D 92 -1.16 -16.92 -17.93
CA TRP D 92 0.13 -16.30 -18.14
C TRP D 92 1.09 -17.22 -18.90
N ASP D 93 2.09 -16.62 -19.52
CA ASP D 93 3.17 -17.35 -20.17
C ASP D 93 4.43 -17.05 -19.36
N SER D 94 4.84 -18.01 -18.53
CA SER D 94 5.78 -17.72 -17.45
C SER D 94 7.18 -17.43 -17.96
N TYR D 95 7.55 -17.96 -19.13
CA TYR D 95 8.89 -17.71 -19.64
C TYR D 95 9.03 -16.30 -20.18
N THR D 96 8.08 -15.84 -20.99
CA THR D 96 8.19 -14.56 -21.66
C THR D 96 7.22 -13.53 -21.12
N THR D 97 6.79 -13.70 -19.86
CA THR D 97 5.88 -12.87 -19.05
C THR D 97 4.70 -12.23 -19.78
N ASN D 98 4.07 -12.96 -20.69
CA ASN D 98 2.94 -12.46 -21.45
C ASN D 98 1.66 -13.18 -21.07
N LYS D 99 0.54 -12.49 -21.30
CA LYS D 99 -0.79 -13.01 -21.02
C LYS D 99 -1.34 -13.66 -22.28
N VAL D 100 -1.40 -14.99 -22.28
CA VAL D 100 -1.94 -15.70 -23.43
C VAL D 100 -3.43 -15.46 -23.56
N HIS D 101 -4.21 -15.93 -22.59
CA HIS D 101 -5.65 -15.70 -22.58
C HIS D 101 -6.07 -15.07 -21.27
N ALA D 102 -6.93 -14.07 -21.35
CA ALA D 102 -7.58 -13.47 -20.19
C ALA D 102 -9.07 -13.73 -20.32
N ILE D 103 -9.69 -14.27 -19.27
CA ILE D 103 -11.08 -14.69 -19.44
C ILE D 103 -11.98 -13.93 -18.47
N PRO D 104 -13.11 -13.42 -18.92
CA PRO D 104 -14.04 -12.76 -17.99
C PRO D 104 -14.76 -13.82 -17.18
N LEU D 105 -15.09 -13.46 -15.94
CA LEU D 105 -15.77 -14.38 -15.03
C LEU D 105 -17.17 -13.88 -14.74
N ARG D 106 -18.13 -14.80 -14.78
CA ARG D 106 -19.53 -14.45 -14.55
C ARG D 106 -19.77 -13.99 -13.12
N SER D 107 -19.09 -14.60 -12.16
CA SER D 107 -19.20 -14.22 -10.76
C SER D 107 -17.87 -13.64 -10.30
N SER D 108 -17.92 -12.59 -9.48
CA SER D 108 -16.71 -11.91 -9.05
C SER D 108 -15.85 -12.80 -8.17
N TRP D 109 -16.46 -13.54 -7.26
CA TRP D 109 -15.70 -14.31 -6.28
C TRP D 109 -15.34 -15.68 -6.84
N VAL D 110 -14.04 -15.97 -6.85
CA VAL D 110 -13.49 -17.23 -7.35
C VAL D 110 -12.42 -17.68 -6.36
N MET D 111 -12.63 -18.86 -5.76
CA MET D 111 -11.76 -19.34 -4.71
C MET D 111 -10.81 -20.44 -5.15
N THR D 112 -10.92 -20.91 -6.40
CA THR D 112 -9.97 -21.89 -6.91
C THR D 112 -9.91 -21.81 -8.42
N CYS D 113 -8.81 -22.31 -8.95
CA CYS D 113 -8.65 -22.47 -10.38
C CYS D 113 -7.88 -23.76 -10.65
N ALA D 114 -8.23 -24.44 -11.72
CA ALA D 114 -7.57 -25.67 -12.11
C ALA D 114 -7.34 -25.66 -13.60
N TYR D 115 -6.19 -26.15 -14.02
CA TYR D 115 -5.82 -26.20 -15.43
C TYR D 115 -5.58 -27.65 -15.84
N ALA D 116 -6.14 -28.02 -16.98
CA ALA D 116 -6.20 -29.42 -17.39
C ALA D 116 -4.81 -29.93 -17.79
N PRO D 117 -4.57 -31.24 -17.68
CA PRO D 117 -3.30 -31.78 -18.18
C PRO D 117 -3.15 -31.74 -19.69
N SER D 118 -4.23 -31.56 -20.44
CA SER D 118 -4.09 -31.32 -21.87
C SER D 118 -3.84 -29.86 -22.20
N GLY D 119 -4.11 -28.96 -21.25
CA GLY D 119 -4.02 -27.55 -21.58
C GLY D 119 -5.16 -27.04 -22.44
N ASN D 120 -6.28 -27.77 -22.49
CA ASN D 120 -7.45 -27.32 -23.21
C ASN D 120 -8.58 -26.88 -22.31
N TYR D 121 -8.52 -27.14 -21.02
CA TYR D 121 -9.64 -26.85 -20.15
C TYR D 121 -9.16 -26.12 -18.91
N VAL D 122 -9.95 -25.15 -18.46
CA VAL D 122 -9.66 -24.36 -17.27
C VAL D 122 -10.89 -24.37 -16.40
N ALA D 123 -10.75 -24.83 -15.16
CA ALA D 123 -11.87 -24.92 -14.23
C ALA D 123 -11.72 -23.91 -13.11
N CYS D 124 -12.75 -23.10 -12.89
CA CYS D 124 -12.72 -22.13 -11.80
C CYS D 124 -13.94 -22.31 -10.91
N GLY D 125 -13.71 -22.38 -9.60
CA GLY D 125 -14.79 -22.50 -8.63
C GLY D 125 -14.87 -21.26 -7.76
N GLY D 126 -16.10 -20.84 -7.44
CA GLY D 126 -16.28 -19.68 -6.60
C GLY D 126 -17.18 -19.89 -5.41
N LEU D 127 -17.74 -18.82 -4.88
CA LEU D 127 -18.81 -18.91 -3.89
C LEU D 127 -20.17 -19.14 -4.52
N ASP D 128 -20.27 -19.03 -5.83
CA ASP D 128 -21.55 -19.10 -6.51
C ASP D 128 -22.05 -20.53 -6.73
N ASN D 129 -21.36 -21.53 -6.17
CA ASN D 129 -21.77 -22.94 -6.20
C ASN D 129 -21.85 -23.50 -7.62
N ILE D 130 -21.09 -22.94 -8.55
CA ILE D 130 -21.11 -23.39 -9.94
C ILE D 130 -19.67 -23.50 -10.39
N CYS D 131 -19.19 -24.73 -10.57
CA CYS D 131 -17.92 -24.95 -11.23
C CYS D 131 -18.08 -24.70 -12.73
N SER D 132 -17.16 -23.96 -13.32
CA SER D 132 -17.24 -23.63 -14.73
C SER D 132 -16.07 -24.27 -15.46
N ILE D 133 -16.31 -24.67 -16.70
CA ILE D 133 -15.29 -25.29 -17.53
C ILE D 133 -15.15 -24.46 -18.80
N TYR D 134 -13.95 -23.97 -19.06
CA TYR D 134 -13.69 -23.15 -20.23
C TYR D 134 -12.90 -23.94 -21.25
N ASN D 135 -13.38 -23.97 -22.48
CA ASN D 135 -12.67 -24.63 -23.56
C ASN D 135 -11.70 -23.61 -24.14
N LEU D 136 -10.46 -24.04 -24.38
CA LEU D 136 -9.45 -23.10 -24.83
C LEU D 136 -9.24 -23.08 -26.33
N LYS D 137 -9.42 -24.23 -27.01
CA LYS D 137 -9.17 -24.34 -28.44
C LYS D 137 -10.08 -23.43 -29.25
N THR D 138 -11.39 -23.73 -29.26
CA THR D 138 -12.48 -22.88 -29.75
C THR D 138 -12.21 -22.31 -31.14
N ARG D 139 -12.24 -23.20 -32.14
CA ARG D 139 -12.07 -22.79 -33.52
C ARG D 139 -13.15 -21.82 -34.00
N GLU D 140 -14.32 -21.82 -33.36
CA GLU D 140 -15.37 -20.87 -33.72
C GLU D 140 -15.02 -19.46 -33.30
N GLY D 141 -14.45 -19.29 -32.10
CA GLY D 141 -14.22 -17.94 -31.59
C GLY D 141 -13.48 -17.88 -30.27
N ASN D 142 -14.00 -17.07 -29.35
CA ASN D 142 -13.32 -16.82 -28.08
C ASN D 142 -13.40 -18.05 -27.17
N VAL D 143 -12.62 -18.03 -26.10
CA VAL D 143 -12.83 -18.96 -25.01
C VAL D 143 -14.17 -18.67 -24.35
N ARG D 144 -14.90 -19.71 -24.01
CA ARG D 144 -16.28 -19.53 -23.62
C ARG D 144 -16.66 -20.66 -22.68
N VAL D 145 -17.64 -20.41 -21.80
CA VAL D 145 -18.15 -21.44 -20.92
C VAL D 145 -18.73 -22.56 -21.77
N SER D 146 -18.36 -23.80 -21.47
CA SER D 146 -18.90 -24.91 -22.24
C SER D 146 -19.93 -25.69 -21.45
N ARG D 147 -19.55 -26.27 -20.31
CA ARG D 147 -20.49 -26.96 -19.44
C ARG D 147 -20.16 -26.62 -18.00
N GLU D 148 -21.18 -26.37 -17.20
CA GLU D 148 -21.02 -25.91 -15.84
C GLU D 148 -21.63 -26.92 -14.88
N LEU D 149 -20.88 -27.26 -13.86
CA LEU D 149 -21.23 -28.32 -12.92
C LEU D 149 -21.83 -27.66 -11.68
N ALA D 150 -23.16 -27.75 -11.53
CA ALA D 150 -23.85 -27.04 -10.46
C ALA D 150 -24.63 -28.05 -9.64
N GLY D 151 -23.97 -28.62 -8.64
CA GLY D 151 -24.66 -29.56 -7.77
C GLY D 151 -24.49 -29.26 -6.30
N HIS D 152 -23.48 -28.47 -5.93
CA HIS D 152 -23.21 -28.31 -4.51
C HIS D 152 -24.11 -27.23 -3.91
N THR D 153 -24.29 -27.34 -2.60
CA THR D 153 -25.16 -26.44 -1.85
C THR D 153 -24.41 -25.59 -0.85
N GLY D 154 -23.08 -25.68 -0.79
CA GLY D 154 -22.30 -24.86 0.11
C GLY D 154 -21.52 -23.79 -0.62
N TYR D 155 -20.24 -24.04 -0.82
CA TYR D 155 -19.44 -23.27 -1.76
C TYR D 155 -18.39 -24.21 -2.30
N LEU D 156 -17.62 -23.76 -3.27
CA LEU D 156 -16.61 -24.60 -3.89
C LEU D 156 -15.23 -24.07 -3.50
N SER D 157 -14.49 -24.88 -2.75
CA SER D 157 -13.21 -24.45 -2.20
C SER D 157 -12.06 -24.78 -3.13
N CYS D 158 -11.93 -26.03 -3.55
CA CYS D 158 -10.88 -26.44 -4.48
C CYS D 158 -11.46 -27.37 -5.53
N CYS D 159 -10.80 -27.43 -6.68
CA CYS D 159 -11.17 -28.37 -7.72
C CYS D 159 -9.92 -28.82 -8.46
N ARG D 160 -9.94 -30.05 -8.96
CA ARG D 160 -8.82 -30.64 -9.67
C ARG D 160 -9.33 -31.54 -10.78
N PHE D 161 -8.48 -31.78 -11.77
CA PHE D 161 -8.81 -32.62 -12.92
C PHE D 161 -8.19 -33.99 -12.76
N LEU D 162 -8.96 -35.03 -13.08
CA LEU D 162 -8.36 -36.33 -13.26
C LEU D 162 -7.89 -36.52 -14.70
N ASP D 163 -8.77 -36.21 -15.65
CA ASP D 163 -8.42 -36.18 -17.07
C ASP D 163 -9.12 -34.96 -17.66
N ASP D 164 -9.23 -34.93 -18.98
CA ASP D 164 -10.00 -33.87 -19.62
C ASP D 164 -11.50 -34.02 -19.42
N ASN D 165 -11.97 -35.21 -19.07
CA ASN D 165 -13.41 -35.44 -18.99
C ASN D 165 -13.93 -35.48 -17.56
N GLN D 166 -13.20 -36.04 -16.60
CA GLN D 166 -13.74 -36.13 -15.25
C GLN D 166 -12.93 -35.26 -14.29
N ILE D 167 -13.64 -34.47 -13.50
CA ILE D 167 -13.09 -33.49 -12.57
C ILE D 167 -13.57 -33.73 -11.14
N VAL D 168 -12.63 -33.80 -10.20
CA VAL D 168 -12.96 -33.94 -8.78
C VAL D 168 -13.01 -32.55 -8.14
N THR D 169 -14.05 -32.29 -7.33
CA THR D 169 -14.27 -30.99 -6.70
C THR D 169 -14.48 -31.15 -5.22
N SER D 170 -13.89 -30.25 -4.44
CA SER D 170 -14.05 -30.23 -2.98
C SER D 170 -14.99 -29.11 -2.61
N SER D 171 -16.19 -29.47 -2.17
CA SER D 171 -17.17 -28.46 -1.80
C SER D 171 -16.87 -27.89 -0.43
N GLY D 172 -17.75 -26.99 0.00
CA GLY D 172 -17.65 -26.39 1.31
C GLY D 172 -18.79 -26.81 2.20
N ASP D 173 -19.63 -27.71 1.71
CA ASP D 173 -20.69 -28.31 2.51
C ASP D 173 -20.44 -29.81 2.71
N THR D 174 -19.19 -30.14 2.97
CA THR D 174 -18.66 -31.40 3.49
C THR D 174 -18.60 -32.50 2.42
N THR D 175 -19.21 -32.31 1.25
CA THR D 175 -19.31 -33.39 0.27
C THR D 175 -18.34 -33.13 -0.88
N CYS D 176 -17.23 -33.87 -0.89
CA CYS D 176 -16.43 -33.98 -2.10
C CYS D 176 -17.22 -34.72 -3.16
N ALA D 177 -17.04 -34.35 -4.42
CA ALA D 177 -17.78 -34.98 -5.50
C ALA D 177 -16.88 -35.22 -6.70
N LEU D 178 -17.16 -36.29 -7.42
CA LEU D 178 -16.50 -36.59 -8.67
C LEU D 178 -17.47 -36.30 -9.80
N TRP D 179 -17.04 -35.49 -10.75
CA TRP D 179 -17.91 -34.98 -11.79
C TRP D 179 -17.50 -35.49 -13.15
N ASP D 180 -18.50 -35.68 -14.00
CA ASP D 180 -18.31 -35.98 -15.41
C ASP D 180 -18.74 -34.74 -16.18
N ILE D 181 -18.02 -34.40 -17.25
CA ILE D 181 -18.30 -33.12 -17.90
C ILE D 181 -19.39 -33.27 -18.96
N GLU D 182 -19.28 -34.26 -19.85
CA GLU D 182 -20.24 -34.36 -20.96
C GLU D 182 -21.62 -34.81 -20.51
N THR D 183 -21.74 -35.50 -19.39
CA THR D 183 -23.07 -35.68 -18.81
C THR D 183 -23.42 -34.50 -17.91
N GLY D 184 -22.56 -34.22 -16.94
CA GLY D 184 -22.76 -33.10 -16.05
C GLY D 184 -23.17 -33.46 -14.64
N GLN D 185 -23.32 -34.74 -14.33
CA GLN D 185 -23.82 -35.14 -13.02
C GLN D 185 -22.70 -35.74 -12.19
N GLN D 186 -22.94 -35.81 -10.88
CA GLN D 186 -21.98 -36.40 -9.97
C GLN D 186 -21.96 -37.91 -10.18
N THR D 187 -20.79 -38.44 -10.52
CA THR D 187 -20.64 -39.89 -10.63
C THR D 187 -20.66 -40.53 -9.24
N THR D 188 -20.05 -39.86 -8.26
CA THR D 188 -20.00 -40.39 -6.91
C THR D 188 -19.82 -39.22 -5.95
N THR D 189 -20.12 -39.47 -4.69
CA THR D 189 -20.01 -38.45 -3.66
C THR D 189 -19.27 -39.04 -2.47
N PHE D 190 -18.50 -38.20 -1.80
CA PHE D 190 -17.68 -38.58 -0.67
C PHE D 190 -18.20 -37.82 0.54
N THR D 191 -18.62 -38.53 1.57
CA THR D 191 -19.38 -37.94 2.68
C THR D 191 -18.74 -38.20 4.03
N GLY D 192 -17.42 -38.08 4.12
CA GLY D 192 -16.74 -38.47 5.34
C GLY D 192 -16.65 -37.47 6.46
N HIS D 193 -16.38 -36.22 6.13
CA HIS D 193 -15.97 -35.23 7.13
C HIS D 193 -17.15 -34.76 7.97
N THR D 194 -16.88 -33.79 8.84
CA THR D 194 -17.90 -33.01 9.52
C THR D 194 -17.59 -31.52 9.39
N GLY D 195 -16.90 -31.13 8.32
CA GLY D 195 -16.50 -29.75 8.18
C GLY D 195 -16.41 -29.27 6.76
N ASP D 196 -15.90 -28.06 6.58
CA ASP D 196 -15.76 -27.46 5.28
C ASP D 196 -14.51 -28.03 4.62
N VAL D 197 -14.66 -28.71 3.50
CA VAL D 197 -13.54 -29.38 2.85
C VAL D 197 -12.71 -28.31 2.16
N MET D 198 -11.56 -27.97 2.76
CA MET D 198 -10.75 -26.85 2.29
C MET D 198 -9.99 -27.18 1.03
N SER D 199 -9.16 -28.20 1.05
CA SER D 199 -8.30 -28.46 -0.10
C SER D 199 -8.09 -29.96 -0.27
N LEU D 200 -8.05 -30.39 -1.52
CA LEU D 200 -7.75 -31.77 -1.87
C LEU D 200 -6.53 -31.81 -2.78
N SER D 201 -5.74 -32.86 -2.63
CA SER D 201 -4.64 -33.13 -3.54
C SER D 201 -4.81 -34.50 -4.15
N LEU D 202 -4.16 -34.71 -5.29
CA LEU D 202 -4.27 -35.95 -6.05
C LEU D 202 -2.96 -36.70 -6.01
N ALA D 203 -3.05 -38.02 -5.87
CA ALA D 203 -1.86 -38.86 -5.92
C ALA D 203 -1.30 -38.89 -7.34
N PRO D 204 0.00 -39.15 -7.50
CA PRO D 204 0.58 -39.20 -8.84
C PRO D 204 0.07 -40.34 -9.72
N ASP D 205 -0.54 -41.39 -9.17
CA ASP D 205 -1.20 -42.38 -10.01
C ASP D 205 -2.67 -42.05 -10.26
N THR D 206 -3.19 -40.98 -9.64
CA THR D 206 -4.56 -40.47 -9.81
C THR D 206 -5.63 -41.50 -9.49
N ARG D 207 -5.37 -42.36 -8.51
CA ARG D 207 -6.34 -43.29 -7.98
C ARG D 207 -6.87 -42.91 -6.61
N LEU D 208 -6.13 -42.11 -5.86
CA LEU D 208 -6.45 -41.80 -4.47
C LEU D 208 -6.28 -40.31 -4.25
N PHE D 209 -7.27 -39.65 -3.64
CA PHE D 209 -7.12 -38.23 -3.36
C PHE D 209 -7.33 -37.98 -1.87
N VAL D 210 -6.38 -37.31 -1.25
CA VAL D 210 -6.53 -36.90 0.14
C VAL D 210 -7.45 -35.70 0.22
N SER D 211 -8.12 -35.55 1.35
CA SER D 211 -9.03 -34.45 1.58
C SER D 211 -8.72 -33.76 2.89
N GLY D 212 -8.62 -32.42 2.85
CA GLY D 212 -8.40 -31.61 4.03
C GLY D 212 -9.65 -30.84 4.37
N ALA D 213 -10.05 -30.89 5.64
CA ALA D 213 -11.26 -30.22 6.08
C ALA D 213 -11.00 -29.44 7.35
N CYS D 214 -12.06 -28.79 7.84
CA CYS D 214 -11.98 -27.92 9.00
C CYS D 214 -12.18 -28.65 10.32
N ASP D 215 -12.38 -29.96 10.33
CA ASP D 215 -12.46 -30.71 11.58
C ASP D 215 -11.13 -31.37 11.94
N ALA D 216 -10.02 -30.80 11.47
CA ALA D 216 -8.66 -31.29 11.68
C ALA D 216 -8.48 -32.73 11.21
N SER D 217 -9.18 -33.11 10.15
CA SER D 217 -9.17 -34.49 9.69
C SER D 217 -8.65 -34.53 8.26
N ALA D 218 -7.72 -35.44 8.04
CA ALA D 218 -7.21 -35.79 6.73
C ALA D 218 -7.70 -37.19 6.43
N LYS D 219 -8.24 -37.40 5.23
CA LYS D 219 -8.80 -38.69 4.90
C LYS D 219 -8.26 -39.13 3.56
N LEU D 220 -8.20 -40.43 3.35
CA LEU D 220 -7.71 -40.99 2.11
C LEU D 220 -8.93 -41.52 1.38
N TRP D 221 -9.15 -41.06 0.17
CA TRP D 221 -10.33 -41.42 -0.59
C TRP D 221 -9.98 -42.21 -1.83
N ASP D 222 -10.71 -43.28 -2.09
CA ASP D 222 -10.53 -44.07 -3.29
C ASP D 222 -11.53 -43.58 -4.32
N VAL D 223 -11.06 -43.35 -5.53
CA VAL D 223 -11.87 -42.65 -6.53
C VAL D 223 -12.95 -43.57 -7.08
N ARG D 224 -12.57 -44.80 -7.45
CA ARG D 224 -13.55 -45.70 -8.04
C ARG D 224 -14.52 -46.26 -7.00
N GLU D 225 -14.06 -46.47 -5.77
CA GLU D 225 -14.93 -47.02 -4.75
C GLU D 225 -15.82 -45.95 -4.15
N GLY D 226 -15.23 -44.86 -3.69
CA GLY D 226 -15.98 -43.80 -3.07
C GLY D 226 -16.06 -43.89 -1.56
N MET D 227 -15.05 -44.48 -0.91
CA MET D 227 -15.03 -44.63 0.52
C MET D 227 -13.70 -44.12 1.07
N CYS D 228 -13.72 -43.68 2.33
CA CYS D 228 -12.53 -43.19 3.01
C CYS D 228 -11.82 -44.36 3.68
N ARG D 229 -10.66 -44.73 3.14
CA ARG D 229 -9.89 -45.83 3.69
C ARG D 229 -9.25 -45.49 5.03
N GLN D 230 -8.66 -44.32 5.15
CA GLN D 230 -7.90 -43.98 6.34
C GLN D 230 -8.28 -42.59 6.84
N THR D 231 -7.95 -42.36 8.10
CA THR D 231 -8.20 -41.08 8.74
C THR D 231 -6.95 -40.66 9.50
N PHE D 232 -6.52 -39.42 9.28
CA PHE D 232 -5.33 -38.88 9.90
C PHE D 232 -5.76 -37.70 10.77
N THR D 233 -5.68 -37.87 12.08
CA THR D 233 -6.04 -36.83 13.03
C THR D 233 -4.80 -36.53 13.87
N GLY D 234 -4.07 -35.49 13.47
CA GLY D 234 -2.89 -35.10 14.20
C GLY D 234 -2.81 -33.60 14.39
N HIS D 235 -3.75 -32.86 13.82
CA HIS D 235 -3.74 -31.41 13.92
C HIS D 235 -4.61 -30.90 15.05
N GLU D 236 -4.26 -29.71 15.53
CA GLU D 236 -5.02 -29.03 16.56
C GLU D 236 -6.04 -28.06 15.98
N SER D 237 -5.98 -27.78 14.69
CA SER D 237 -6.93 -26.88 14.07
C SER D 237 -7.18 -27.33 12.65
N ASP D 238 -7.92 -26.50 11.91
CA ASP D 238 -8.35 -26.78 10.55
C ASP D 238 -7.17 -26.87 9.59
N ILE D 239 -7.33 -27.67 8.54
CA ILE D 239 -6.30 -27.91 7.55
C ILE D 239 -6.55 -26.99 6.35
N ASN D 240 -5.62 -26.06 6.11
CA ASN D 240 -5.78 -25.15 4.98
C ASN D 240 -5.47 -25.82 3.65
N ALA D 241 -4.27 -26.36 3.49
CA ALA D 241 -3.90 -26.96 2.22
C ALA D 241 -3.05 -28.20 2.43
N ILE D 242 -3.16 -29.12 1.47
CA ILE D 242 -2.62 -30.46 1.59
C ILE D 242 -1.88 -30.79 0.30
N CYS D 243 -0.74 -31.49 0.43
CA CYS D 243 0.07 -31.82 -0.74
C CYS D 243 0.70 -33.19 -0.58
N PHE D 244 0.59 -34.02 -1.61
CA PHE D 244 1.26 -35.33 -1.61
C PHE D 244 2.77 -35.21 -1.68
N PHE D 245 3.45 -36.13 -1.01
CA PHE D 245 4.83 -36.42 -1.35
C PHE D 245 4.83 -36.96 -2.78
N PRO D 246 5.80 -36.57 -3.63
CA PRO D 246 5.63 -36.77 -5.08
C PRO D 246 5.73 -38.21 -5.58
N ASN D 247 5.84 -39.23 -4.73
CA ASN D 247 5.67 -40.60 -5.21
C ASN D 247 4.26 -41.14 -4.98
N GLY D 248 3.66 -40.80 -3.84
CA GLY D 248 2.34 -41.28 -3.50
C GLY D 248 2.32 -42.17 -2.28
N ASN D 249 3.25 -41.97 -1.35
CA ASN D 249 3.30 -42.76 -0.13
C ASN D 249 3.19 -41.92 1.12
N ALA D 250 3.23 -40.61 1.02
CA ALA D 250 3.10 -39.72 2.16
C ALA D 250 2.51 -38.42 1.66
N PHE D 251 2.20 -37.52 2.60
CA PHE D 251 1.68 -36.22 2.25
C PHE D 251 1.85 -35.27 3.42
N ALA D 252 1.86 -33.98 3.12
CA ALA D 252 2.02 -32.94 4.12
C ALA D 252 0.77 -32.07 4.17
N THR D 253 0.45 -31.60 5.37
CA THR D 253 -0.75 -30.80 5.62
C THR D 253 -0.37 -29.51 6.32
N GLY D 254 -1.05 -28.44 5.97
CA GLY D 254 -0.82 -27.14 6.60
C GLY D 254 -2.05 -26.69 7.36
N SER D 255 -1.83 -26.15 8.55
CA SER D 255 -2.93 -25.82 9.44
C SER D 255 -2.77 -24.40 9.96
N ASP D 256 -3.71 -23.99 10.82
CA ASP D 256 -3.70 -22.65 11.37
C ASP D 256 -3.06 -22.58 12.75
N ASP D 257 -2.47 -23.68 13.21
CA ASP D 257 -1.71 -23.66 14.46
C ASP D 257 -0.22 -23.56 14.22
N ALA D 258 0.19 -23.07 13.05
CA ALA D 258 1.58 -22.92 12.63
C ALA D 258 2.34 -24.24 12.66
N THR D 259 1.68 -25.32 12.24
CA THR D 259 2.31 -26.63 12.14
C THR D 259 2.09 -27.20 10.75
N CYS D 260 3.18 -27.56 10.08
CA CYS D 260 3.14 -28.46 8.94
C CYS D 260 3.49 -29.85 9.43
N ARG D 261 2.64 -30.82 9.14
CA ARG D 261 2.86 -32.19 9.59
C ARG D 261 2.98 -33.08 8.37
N LEU D 262 3.86 -34.06 8.44
CA LEU D 262 4.03 -35.01 7.35
C LEU D 262 3.38 -36.31 7.76
N PHE D 263 2.40 -36.75 6.98
CA PHE D 263 1.63 -37.94 7.30
C PHE D 263 2.00 -39.08 6.38
N ASP D 264 2.10 -40.25 6.95
CA ASP D 264 2.51 -41.45 6.23
C ASP D 264 1.26 -42.26 5.90
N LEU D 265 1.20 -42.81 4.69
CA LEU D 265 0.03 -43.56 4.28
C LEU D 265 0.03 -44.97 4.84
N ARG D 266 1.15 -45.66 4.75
CA ARG D 266 1.16 -47.08 5.07
C ARG D 266 1.48 -47.37 6.52
N ALA D 267 2.24 -46.49 7.18
CA ALA D 267 2.39 -46.55 8.63
C ALA D 267 1.32 -45.75 9.36
N ASP D 268 0.50 -45.00 8.62
CA ASP D 268 -0.80 -44.49 9.01
C ASP D 268 -0.73 -43.39 10.06
N GLN D 269 0.45 -42.83 10.33
CA GLN D 269 0.56 -41.78 11.33
C GLN D 269 1.71 -40.84 11.01
N GLU D 270 1.78 -39.75 11.76
CA GLU D 270 2.62 -38.61 11.39
C GLU D 270 4.11 -38.91 11.60
N LEU D 271 4.89 -38.73 10.54
CA LEU D 271 6.33 -38.90 10.65
C LEU D 271 7.03 -37.73 11.33
N MET D 272 6.63 -36.49 11.02
CA MET D 272 7.38 -35.32 11.48
C MET D 272 6.43 -34.13 11.56
N THR D 273 6.83 -33.14 12.36
CA THR D 273 6.07 -31.91 12.56
C THR D 273 7.00 -30.71 12.41
N TYR D 274 6.61 -29.77 11.56
CA TYR D 274 7.43 -28.60 11.24
C TYR D 274 6.83 -27.39 11.94
N SER D 275 7.33 -27.09 13.14
CA SER D 275 6.80 -25.98 13.90
C SER D 275 7.91 -25.42 14.77
N HIS D 276 8.12 -24.11 14.70
CA HIS D 276 9.08 -23.45 15.56
C HIS D 276 8.36 -22.37 16.36
N ASP D 277 8.97 -22.01 17.50
CA ASP D 277 8.33 -21.13 18.47
C ASP D 277 8.14 -19.72 17.95
N ASN D 278 8.96 -19.30 16.99
CA ASN D 278 8.88 -17.96 16.43
C ASN D 278 7.77 -17.83 15.38
N ILE D 279 7.07 -18.91 15.07
CA ILE D 279 6.05 -18.93 14.04
C ILE D 279 4.71 -19.08 14.73
N ILE D 280 3.86 -18.07 14.62
CA ILE D 280 2.57 -18.09 15.29
C ILE D 280 1.46 -17.76 14.29
N CYS D 281 1.72 -17.97 13.01
CA CYS D 281 0.78 -17.64 11.97
C CYS D 281 0.41 -18.88 11.17
N GLY D 282 -0.76 -18.86 10.56
CA GLY D 282 -1.28 -20.05 9.91
C GLY D 282 -0.65 -20.31 8.56
N ILE D 283 -0.50 -21.58 8.23
CA ILE D 283 -0.04 -21.98 6.90
C ILE D 283 -1.21 -21.82 5.94
N THR D 284 -0.94 -21.24 4.77
CA THR D 284 -1.97 -21.14 3.75
C THR D 284 -1.81 -22.15 2.62
N SER D 285 -0.60 -22.65 2.39
CA SER D 285 -0.37 -23.64 1.35
C SER D 285 0.93 -24.39 1.62
N VAL D 286 0.93 -25.68 1.31
CA VAL D 286 2.14 -26.50 1.38
C VAL D 286 2.40 -27.12 0.02
N SER D 287 3.66 -27.23 -0.34
CA SER D 287 4.07 -27.88 -1.57
C SER D 287 5.44 -28.50 -1.38
N PHE D 288 5.77 -29.46 -2.24
CA PHE D 288 7.07 -30.10 -2.21
C PHE D 288 7.90 -29.69 -3.42
N SER D 289 9.20 -29.96 -3.34
CA SER D 289 10.13 -29.74 -4.43
C SER D 289 10.03 -30.91 -5.41
N LYS D 290 11.01 -31.02 -6.31
CA LYS D 290 10.98 -32.11 -7.28
C LYS D 290 11.32 -33.44 -6.63
N SER D 291 12.47 -33.52 -5.97
CA SER D 291 12.85 -34.74 -5.28
C SER D 291 11.98 -34.98 -4.06
N GLY D 292 11.75 -33.92 -3.28
CA GLY D 292 10.96 -34.02 -2.07
C GLY D 292 11.76 -33.76 -0.81
N ARG D 293 13.05 -33.46 -0.92
CA ARG D 293 13.86 -33.11 0.24
C ARG D 293 13.50 -31.72 0.76
N LEU D 294 12.90 -30.88 -0.05
CA LEU D 294 12.48 -29.55 0.34
C LEU D 294 10.97 -29.48 0.46
N LEU D 295 10.49 -28.96 1.57
CA LEU D 295 9.06 -28.75 1.79
C LEU D 295 8.82 -27.25 1.80
N LEU D 296 7.97 -26.77 0.90
CA LEU D 296 7.66 -25.36 0.77
C LEU D 296 6.34 -25.09 1.48
N ALA D 297 6.32 -24.08 2.32
CA ALA D 297 5.10 -23.73 3.04
C ALA D 297 4.91 -22.24 2.98
N GLY D 298 3.74 -21.81 2.49
CA GLY D 298 3.40 -20.41 2.57
C GLY D 298 2.83 -20.12 3.95
N TYR D 299 3.25 -19.01 4.52
CA TYR D 299 2.88 -18.64 5.87
C TYR D 299 2.12 -17.33 5.84
N ASP D 300 1.56 -16.99 6.98
CA ASP D 300 0.67 -15.84 7.04
C ASP D 300 1.38 -14.57 7.50
N ASP D 301 2.65 -14.65 7.89
CA ASP D 301 3.46 -13.48 8.15
C ASP D 301 4.28 -13.06 6.94
N PHE D 302 3.71 -13.24 5.74
CA PHE D 302 4.01 -12.61 4.46
C PHE D 302 5.24 -13.23 3.77
N ASN D 303 5.70 -14.39 4.22
CA ASN D 303 6.85 -15.03 3.62
C ASN D 303 6.65 -16.54 3.59
N CYS D 304 7.53 -17.22 2.86
CA CYS D 304 7.37 -18.62 2.51
C CYS D 304 8.59 -19.39 3.01
N ASN D 305 8.55 -19.83 4.26
CA ASN D 305 9.68 -20.56 4.82
C ASN D 305 9.84 -21.91 4.11
N VAL D 306 11.09 -22.30 3.91
CA VAL D 306 11.44 -23.53 3.19
C VAL D 306 11.97 -24.52 4.21
N TRP D 307 11.39 -25.72 4.23
CA TRP D 307 11.69 -26.70 5.26
C TRP D 307 12.48 -27.88 4.70
N ASP D 308 13.53 -28.27 5.42
CA ASP D 308 14.27 -29.48 5.13
C ASP D 308 13.41 -30.67 5.54
N ALA D 309 12.99 -31.49 4.57
CA ALA D 309 11.91 -32.44 4.81
C ALA D 309 12.33 -33.62 5.67
N LEU D 310 13.59 -34.06 5.58
CA LEU D 310 14.04 -35.14 6.44
C LEU D 310 14.69 -34.66 7.73
N LYS D 311 15.06 -33.38 7.82
CA LYS D 311 15.78 -32.91 8.99
C LYS D 311 15.01 -31.90 9.82
N ALA D 312 13.84 -31.43 9.33
CA ALA D 312 12.98 -30.45 10.01
C ALA D 312 13.70 -29.15 10.34
N ASP D 313 14.50 -28.67 9.40
CA ASP D 313 15.17 -27.40 9.56
C ASP D 313 14.64 -26.41 8.52
N ARG D 314 14.75 -25.13 8.84
CA ARG D 314 14.36 -24.08 7.92
C ARG D 314 15.55 -23.83 7.00
N ALA D 315 15.41 -24.26 5.74
CA ALA D 315 16.48 -24.07 4.77
C ALA D 315 16.64 -22.60 4.39
N GLY D 316 15.54 -21.89 4.22
CA GLY D 316 15.60 -20.51 3.77
C GLY D 316 14.22 -19.90 3.82
N VAL D 317 14.16 -18.60 3.56
CA VAL D 317 12.91 -17.85 3.61
C VAL D 317 12.72 -17.09 2.29
N LEU D 318 11.53 -17.21 1.71
CA LEU D 318 11.17 -16.49 0.50
C LEU D 318 10.37 -15.27 0.93
N ALA D 319 11.04 -14.14 1.07
CA ALA D 319 10.41 -12.98 1.70
C ALA D 319 10.24 -11.82 0.73
N GLY D 320 9.77 -12.11 -0.48
CA GLY D 320 9.56 -11.06 -1.45
C GLY D 320 8.20 -10.38 -1.39
N HIS D 321 7.20 -11.10 -0.89
CA HIS D 321 5.83 -10.59 -0.93
C HIS D 321 5.60 -9.55 0.14
N ASP D 322 4.45 -8.89 0.03
CA ASP D 322 4.05 -7.82 0.92
C ASP D 322 2.75 -8.09 1.65
N ASN D 323 1.99 -9.10 1.23
CA ASN D 323 0.71 -9.36 1.85
C ASN D 323 0.60 -10.88 2.05
N ARG D 324 -0.59 -11.36 2.43
CA ARG D 324 -0.80 -12.78 2.70
C ARG D 324 -0.65 -13.60 1.43
N VAL D 325 0.23 -14.60 1.46
CA VAL D 325 0.32 -15.52 0.33
C VAL D 325 -0.86 -16.48 0.37
N SER D 326 -1.52 -16.63 -0.77
CA SER D 326 -2.72 -17.45 -0.87
C SER D 326 -2.46 -18.77 -1.57
N CYS D 327 -1.69 -18.75 -2.64
CA CYS D 327 -1.43 -19.93 -3.46
C CYS D 327 0.06 -20.07 -3.71
N LEU D 328 0.50 -21.32 -3.85
CA LEU D 328 1.90 -21.62 -4.12
C LEU D 328 1.97 -22.85 -5.01
N GLY D 329 2.66 -22.73 -6.14
CA GLY D 329 2.78 -23.83 -7.07
C GLY D 329 4.20 -24.09 -7.52
N VAL D 330 4.51 -25.38 -7.70
CA VAL D 330 5.81 -25.83 -8.18
C VAL D 330 5.58 -26.55 -9.49
N THR D 331 6.43 -26.28 -10.47
CA THR D 331 6.33 -26.90 -11.79
C THR D 331 6.57 -28.41 -11.71
N ASP D 332 6.20 -29.11 -12.77
CA ASP D 332 6.40 -30.56 -12.78
C ASP D 332 7.86 -30.92 -12.89
N ASP D 333 8.61 -30.22 -13.73
CA ASP D 333 10.05 -30.47 -13.82
C ASP D 333 10.82 -29.87 -12.65
N GLY D 334 10.17 -29.09 -11.79
CA GLY D 334 10.82 -28.62 -10.58
C GLY D 334 11.69 -27.41 -10.76
N MET D 335 11.55 -26.70 -11.87
CA MET D 335 12.47 -25.63 -12.20
C MET D 335 12.23 -24.39 -11.36
N ALA D 336 10.97 -24.07 -11.06
CA ALA D 336 10.67 -22.82 -10.39
C ALA D 336 9.46 -22.97 -9.48
N VAL D 337 9.33 -22.01 -8.56
CA VAL D 337 8.23 -21.93 -7.61
C VAL D 337 7.57 -20.58 -7.80
N ALA D 338 6.27 -20.58 -8.03
CA ALA D 338 5.53 -19.34 -8.25
C ALA D 338 4.51 -19.15 -7.14
N THR D 339 4.71 -18.12 -6.32
CA THR D 339 3.82 -17.80 -5.23
C THR D 339 2.89 -16.67 -5.62
N GLY D 340 1.67 -16.71 -5.09
CA GLY D 340 0.71 -15.68 -5.36
C GLY D 340 0.13 -15.12 -4.07
N SER D 341 0.09 -13.81 -3.93
CA SER D 341 -0.34 -13.21 -2.69
C SER D 341 -1.48 -12.25 -2.93
N TRP D 342 -1.95 -11.65 -1.85
CA TRP D 342 -3.10 -10.76 -1.91
C TRP D 342 -2.75 -9.35 -2.31
N ASP D 343 -1.50 -9.09 -2.68
CA ASP D 343 -1.10 -7.80 -3.22
C ASP D 343 -1.13 -7.78 -4.73
N SER D 344 -1.74 -8.79 -5.36
CA SER D 344 -1.89 -8.93 -6.82
C SER D 344 -0.55 -9.01 -7.53
N PHE D 345 0.34 -9.86 -7.01
CA PHE D 345 1.59 -10.13 -7.70
C PHE D 345 1.92 -11.61 -7.64
N LEU D 346 2.27 -12.17 -8.78
CA LEU D 346 2.81 -13.52 -8.86
C LEU D 346 4.32 -13.42 -8.97
N LYS D 347 5.03 -13.93 -7.98
CA LYS D 347 6.48 -13.91 -7.98
C LYS D 347 6.96 -15.31 -8.29
N ILE D 348 7.85 -15.44 -9.26
CA ILE D 348 8.40 -16.72 -9.67
C ILE D 348 9.82 -16.80 -9.15
N TRP D 349 10.10 -17.85 -8.37
CA TRP D 349 11.34 -18.00 -7.63
C TRP D 349 12.18 -19.12 -8.23
N ASN D 350 13.49 -18.92 -8.23
CA ASN D 350 14.43 -19.99 -8.56
C ASN D 350 15.52 -20.15 -7.50
N THR E 6 -33.84 -40.00 14.53
CA THR E 6 -33.06 -41.19 14.21
C THR E 6 -31.91 -40.87 13.28
N ALA E 7 -31.86 -39.61 12.81
CA ALA E 7 -30.78 -39.17 11.94
C ALA E 7 -29.45 -39.15 12.68
N SER E 8 -29.47 -38.69 13.94
CA SER E 8 -28.27 -38.65 14.76
C SER E 8 -27.70 -40.04 14.97
N ILE E 9 -28.54 -40.99 15.41
CA ILE E 9 -28.06 -42.35 15.61
C ILE E 9 -27.67 -43.01 14.30
N ALA E 10 -28.36 -42.69 13.19
CA ALA E 10 -27.99 -43.23 11.87
C ALA E 10 -26.59 -42.80 11.45
N GLN E 11 -26.30 -41.49 11.57
CA GLN E 11 -24.97 -40.99 11.27
C GLN E 11 -23.93 -41.56 12.21
N ALA E 12 -24.28 -41.73 13.49
CA ALA E 12 -23.38 -42.34 14.45
C ALA E 12 -23.11 -43.81 14.11
N ARG E 13 -24.11 -44.52 13.60
CA ARG E 13 -23.92 -45.89 13.13
C ARG E 13 -22.98 -45.93 11.93
N LYS E 14 -23.14 -44.98 11.00
CA LYS E 14 -22.22 -44.90 9.86
C LYS E 14 -20.81 -44.61 10.33
N LEU E 15 -20.66 -43.77 11.36
CA LEU E 15 -19.35 -43.49 11.96
C LEU E 15 -18.72 -44.74 12.56
N VAL E 16 -19.52 -45.53 13.27
CA VAL E 16 -19.02 -46.78 13.85
C VAL E 16 -18.63 -47.77 12.76
N GLU E 17 -19.43 -47.87 11.69
CA GLU E 17 -19.09 -48.75 10.57
C GLU E 17 -17.80 -48.32 9.88
N GLN E 18 -17.60 -47.00 9.72
CA GLN E 18 -16.36 -46.49 9.15
C GLN E 18 -15.17 -46.83 10.04
N LEU E 19 -15.35 -46.69 11.37
CA LEU E 19 -14.27 -47.04 12.30
C LEU E 19 -13.95 -48.52 12.24
N LYS E 20 -14.98 -49.37 12.11
CA LYS E 20 -14.78 -50.81 11.97
C LYS E 20 -14.02 -51.15 10.71
N MET E 21 -14.38 -50.51 9.59
CA MET E 21 -13.70 -50.76 8.33
C MET E 21 -12.24 -50.30 8.38
N GLU E 22 -11.99 -49.09 8.91
CA GLU E 22 -10.62 -48.59 8.97
C GLU E 22 -9.74 -49.35 9.98
N ALA E 23 -10.32 -49.86 11.07
CA ALA E 23 -9.54 -50.55 12.09
C ALA E 23 -8.87 -51.81 11.57
N ASN E 24 -9.45 -52.46 10.55
CA ASN E 24 -8.99 -53.78 10.12
C ASN E 24 -7.68 -53.76 9.36
N ILE E 25 -7.32 -52.63 8.76
CA ILE E 25 -6.24 -52.63 7.78
C ILE E 25 -4.87 -52.72 8.46
N ASP E 26 -3.92 -53.31 7.76
CA ASP E 26 -2.59 -53.51 8.29
C ASP E 26 -1.78 -52.22 8.21
N ARG E 27 -0.72 -52.17 9.00
CA ARG E 27 0.11 -50.98 9.14
C ARG E 27 1.57 -51.41 9.15
N ILE E 28 2.34 -50.92 8.19
CA ILE E 28 3.77 -51.17 8.14
C ILE E 28 4.45 -50.39 9.26
N LYS E 29 5.56 -50.93 9.78
CA LYS E 29 6.38 -50.23 10.75
C LYS E 29 6.90 -48.92 10.18
N VAL E 30 7.09 -47.95 11.07
CA VAL E 30 7.45 -46.60 10.68
C VAL E 30 8.86 -46.54 10.09
N SER E 31 9.78 -47.36 10.60
CA SER E 31 11.17 -47.35 10.16
C SER E 31 11.31 -47.73 8.69
N LYS E 32 10.56 -48.73 8.22
CA LYS E 32 10.66 -49.16 6.83
C LYS E 32 10.16 -48.09 5.87
N ALA E 33 9.02 -47.49 6.16
CA ALA E 33 8.47 -46.45 5.31
C ALA E 33 9.33 -45.18 5.33
N ALA E 34 9.85 -44.81 6.50
CA ALA E 34 10.78 -43.70 6.58
C ALA E 34 12.06 -43.97 5.80
N ALA E 35 12.52 -45.22 5.81
CA ALA E 35 13.63 -45.63 4.96
C ALA E 35 13.29 -45.48 3.49
N ASP E 36 12.05 -45.79 3.11
CA ASP E 36 11.61 -45.61 1.73
C ASP E 36 11.63 -44.15 1.30
N LEU E 37 11.15 -43.25 2.17
CA LEU E 37 11.21 -41.83 1.84
C LEU E 37 12.64 -41.32 1.75
N MET E 38 13.51 -41.78 2.67
CA MET E 38 14.92 -41.41 2.63
C MET E 38 15.58 -41.90 1.34
N ALA E 39 15.29 -43.14 0.93
CA ALA E 39 15.83 -43.68 -0.31
C ALA E 39 15.32 -42.93 -1.53
N TYR E 40 14.05 -42.53 -1.54
CA TYR E 40 13.51 -41.78 -2.66
C TYR E 40 14.19 -40.40 -2.76
N CYS E 41 14.38 -39.74 -1.63
CA CYS E 41 15.06 -38.44 -1.63
C CYS E 41 16.51 -38.57 -2.10
N GLU E 42 17.21 -39.62 -1.65
CA GLU E 42 18.58 -39.85 -2.10
C GLU E 42 18.64 -40.17 -3.59
N ALA E 43 17.68 -40.95 -4.10
CA ALA E 43 17.66 -41.31 -5.51
C ALA E 43 17.41 -40.09 -6.40
N HIS E 44 16.49 -39.21 -6.01
CA HIS E 44 16.16 -38.08 -6.85
C HIS E 44 16.90 -36.80 -6.48
N ALA E 45 17.83 -36.84 -5.52
CA ALA E 45 18.61 -35.66 -5.16
C ALA E 45 19.50 -35.13 -6.29
N LYS E 46 19.82 -35.96 -7.29
CA LYS E 46 20.66 -35.51 -8.40
C LYS E 46 19.94 -34.47 -9.26
N GLU E 47 18.65 -34.64 -9.47
CA GLU E 47 17.90 -33.91 -10.48
C GLU E 47 17.00 -32.83 -9.90
N ASP E 48 17.28 -32.38 -8.68
CA ASP E 48 16.41 -31.42 -8.00
C ASP E 48 16.98 -30.02 -8.21
N PRO E 49 16.32 -29.13 -8.96
CA PRO E 49 16.91 -27.82 -9.26
C PRO E 49 16.93 -26.86 -8.09
N LEU E 50 16.17 -27.12 -7.03
CA LEU E 50 16.25 -26.29 -5.84
C LEU E 50 17.25 -26.81 -4.83
N LEU E 51 17.29 -28.13 -4.65
CA LEU E 51 18.26 -28.75 -3.74
C LEU E 51 19.66 -28.67 -4.31
N THR E 52 19.84 -29.08 -5.57
CA THR E 52 21.10 -28.96 -6.27
C THR E 52 21.03 -27.76 -7.21
N PRO E 53 21.93 -26.79 -7.10
CA PRO E 53 21.75 -25.53 -7.85
C PRO E 53 22.06 -25.72 -9.32
N VAL E 54 21.31 -24.99 -10.14
CA VAL E 54 21.38 -25.09 -11.59
C VAL E 54 21.89 -23.77 -12.14
N PRO E 55 22.96 -23.77 -12.95
CA PRO E 55 23.51 -22.51 -13.48
C PRO E 55 22.60 -21.82 -14.50
N ALA E 56 23.10 -20.70 -15.05
CA ALA E 56 22.31 -19.93 -16.00
C ALA E 56 22.17 -20.64 -17.35
N SER E 57 22.95 -21.69 -17.61
CA SER E 57 22.90 -22.36 -18.90
C SER E 57 21.59 -23.12 -19.09
N GLU E 58 21.27 -24.00 -18.14
CA GLU E 58 20.04 -24.78 -18.22
C GLU E 58 18.79 -23.98 -17.87
N ASN E 59 18.97 -22.86 -17.18
CA ASN E 59 17.87 -22.09 -16.62
C ASN E 59 17.08 -21.39 -17.72
N PRO E 60 15.77 -21.65 -17.85
CA PRO E 60 14.98 -20.88 -18.82
C PRO E 60 14.55 -19.52 -18.29
N PHE E 61 14.52 -19.34 -16.97
CA PHE E 61 14.09 -18.09 -16.38
C PHE E 61 15.21 -17.05 -16.32
N ARG E 62 16.46 -17.49 -16.41
CA ARG E 62 17.72 -16.72 -16.29
C ARG E 62 17.73 -15.61 -15.25
N GLN F 1 -6.26 -35.94 17.79
CA GLN F 1 -7.64 -36.17 18.18
C GLN F 1 -8.04 -35.18 19.27
N VAL F 2 -9.00 -34.31 18.95
CA VAL F 2 -9.40 -33.22 19.83
C VAL F 2 -10.77 -33.55 20.38
N GLN F 3 -10.87 -33.63 21.71
CA GLN F 3 -12.16 -33.89 22.34
C GLN F 3 -12.24 -33.17 23.67
N LEU F 4 -13.42 -32.61 23.95
CA LEU F 4 -13.69 -31.91 25.19
C LEU F 4 -14.71 -32.73 25.97
N GLN F 5 -14.37 -33.13 27.19
CA GLN F 5 -15.23 -33.94 28.02
C GLN F 5 -15.77 -33.10 29.16
N GLU F 6 -16.99 -33.40 29.60
CA GLU F 6 -17.67 -32.62 30.63
C GLU F 6 -18.13 -33.53 31.75
N SER F 7 -17.77 -33.17 32.98
CA SER F 7 -18.17 -33.93 34.16
C SER F 7 -18.97 -33.04 35.09
N GLY F 8 -20.15 -33.51 35.49
CA GLY F 8 -21.04 -32.78 36.36
C GLY F 8 -22.45 -32.85 35.83
N GLY F 9 -23.30 -31.95 36.31
CA GLY F 9 -24.65 -31.84 35.79
C GLY F 9 -25.68 -32.58 36.61
N GLY F 10 -26.74 -32.96 35.92
CA GLY F 10 -27.79 -33.74 36.55
C GLY F 10 -28.84 -32.87 37.23
N LEU F 11 -29.69 -33.56 37.98
CA LEU F 11 -30.68 -32.92 38.83
C LEU F 11 -30.02 -32.02 39.86
N VAL F 12 -30.61 -30.84 40.07
CA VAL F 12 -30.18 -29.95 41.14
C VAL F 12 -31.43 -29.34 41.75
N GLN F 13 -31.42 -29.17 43.07
CA GLN F 13 -32.44 -28.35 43.70
C GLN F 13 -32.30 -26.93 43.18
N PRO F 14 -33.41 -26.23 42.90
CA PRO F 14 -33.31 -24.86 42.36
C PRO F 14 -32.67 -23.91 43.35
N GLY F 15 -31.55 -23.32 42.94
CA GLY F 15 -30.71 -22.59 43.85
C GLY F 15 -29.41 -23.30 44.22
N GLY F 16 -29.24 -24.54 43.78
CA GLY F 16 -28.13 -25.34 44.25
C GLY F 16 -26.83 -25.03 43.53
N SER F 17 -25.73 -25.24 44.25
CA SER F 17 -24.39 -24.92 43.76
C SER F 17 -23.85 -26.13 43.01
N LEU F 18 -24.09 -26.13 41.70
CA LEU F 18 -23.64 -27.18 40.81
C LEU F 18 -22.48 -26.67 39.96
N ARG F 19 -21.44 -27.47 39.85
CA ARG F 19 -20.23 -27.09 39.14
C ARG F 19 -20.05 -27.94 37.89
N LEU F 20 -19.66 -27.31 36.80
CA LEU F 20 -19.40 -28.00 35.55
C LEU F 20 -17.93 -27.90 35.19
N SER F 21 -17.31 -29.03 34.88
CA SER F 21 -15.89 -29.08 34.61
C SER F 21 -15.67 -29.64 33.21
N CYS F 22 -14.89 -28.94 32.41
CA CYS F 22 -14.55 -29.34 31.06
C CYS F 22 -13.08 -29.76 31.01
N ALA F 23 -12.82 -30.94 30.49
CA ALA F 23 -11.46 -31.44 30.39
C ALA F 23 -11.04 -31.46 28.93
N ALA F 24 -9.90 -30.83 28.64
CA ALA F 24 -9.44 -30.65 27.28
C ALA F 24 -8.26 -31.57 27.01
N SER F 25 -8.36 -32.34 25.93
CA SER F 25 -7.32 -33.25 25.50
C SER F 25 -7.13 -33.12 24.00
N GLY F 26 -5.87 -33.12 23.56
CA GLY F 26 -5.56 -33.14 22.15
C GLY F 26 -4.98 -31.87 21.60
N PHE F 27 -4.73 -30.85 22.43
CA PHE F 27 -4.19 -29.59 21.95
C PHE F 27 -3.51 -28.88 23.11
N THR F 28 -2.71 -27.87 22.77
CA THR F 28 -2.10 -27.00 23.78
C THR F 28 -3.18 -26.11 24.36
N PHE F 29 -3.40 -26.24 25.67
CA PHE F 29 -4.54 -25.58 26.31
C PHE F 29 -4.36 -24.09 26.41
N SER F 30 -3.14 -23.64 26.72
CA SER F 30 -2.79 -22.26 26.98
C SER F 30 -2.95 -21.27 25.83
N ASN F 31 -3.37 -21.71 24.65
CA ASN F 31 -3.42 -20.82 23.51
C ASN F 31 -4.82 -20.48 23.04
N TYR F 32 -5.84 -21.16 23.51
CA TYR F 32 -7.17 -21.05 22.94
C TYR F 32 -8.15 -20.39 23.89
N LYS F 33 -8.84 -19.38 23.40
CA LYS F 33 -9.94 -18.76 24.11
C LYS F 33 -11.12 -19.71 24.13
N MET F 34 -11.35 -20.36 25.26
CA MET F 34 -12.36 -21.41 25.36
C MET F 34 -13.62 -20.91 26.04
N ASN F 35 -14.76 -21.35 25.51
CA ASN F 35 -16.05 -20.84 25.92
C ASN F 35 -17.05 -21.95 26.20
N TRP F 36 -18.10 -21.60 26.93
CA TRP F 36 -19.21 -22.48 27.24
C TRP F 36 -20.41 -22.08 26.41
N VAL F 37 -21.06 -23.04 25.78
CA VAL F 37 -22.25 -22.81 24.97
C VAL F 37 -23.32 -23.77 25.48
N ARG F 38 -24.53 -23.28 25.71
CA ARG F 38 -25.61 -24.13 26.19
C ARG F 38 -26.72 -24.20 25.16
N GLN F 39 -27.32 -25.37 25.02
CA GLN F 39 -28.51 -25.57 24.20
C GLN F 39 -29.70 -25.87 25.09
N ALA F 40 -30.66 -24.96 25.15
CA ALA F 40 -31.93 -25.26 25.76
C ALA F 40 -32.72 -26.20 24.85
N PRO F 41 -33.56 -27.09 25.41
CA PRO F 41 -34.30 -28.04 24.57
C PRO F 41 -35.36 -27.34 23.72
N GLY F 42 -35.39 -27.68 22.44
CA GLY F 42 -36.27 -26.99 21.52
C GLY F 42 -35.81 -25.59 21.19
N LYS F 43 -34.50 -25.37 21.13
CA LYS F 43 -33.95 -24.04 20.99
C LYS F 43 -32.56 -24.18 20.39
N GLY F 44 -32.15 -23.18 19.61
CA GLY F 44 -30.82 -23.18 19.06
C GLY F 44 -29.76 -22.97 20.12
N LEU F 45 -28.51 -23.21 19.73
CA LEU F 45 -27.39 -23.07 20.65
C LEU F 45 -27.15 -21.60 20.95
N GLU F 46 -26.88 -21.31 22.22
CA GLU F 46 -26.63 -19.94 22.65
C GLU F 46 -25.38 -19.89 23.52
N TRP F 47 -24.52 -18.91 23.22
CA TRP F 47 -23.29 -18.69 23.96
C TRP F 47 -23.57 -18.33 25.42
N VAL F 48 -22.75 -18.83 26.33
CA VAL F 48 -22.90 -18.52 27.74
C VAL F 48 -21.80 -17.57 28.18
N SER F 49 -20.57 -18.07 28.24
CA SER F 49 -19.44 -17.30 28.74
C SER F 49 -18.19 -17.67 27.97
N ASP F 50 -17.18 -16.81 28.05
CA ASP F 50 -15.86 -17.13 27.50
C ASP F 50 -14.76 -16.56 28.38
N ILE F 51 -13.60 -17.19 28.33
CA ILE F 51 -12.43 -16.72 29.06
C ILE F 51 -11.24 -16.78 28.11
N SER F 52 -10.37 -15.78 28.20
CA SER F 52 -9.36 -15.58 27.17
C SER F 52 -8.17 -16.52 27.36
N GLN F 53 -7.08 -16.21 26.66
CA GLN F 53 -5.91 -17.08 26.60
C GLN F 53 -5.18 -17.13 27.93
N SER F 54 -5.30 -16.09 28.74
CA SER F 54 -4.61 -16.02 30.02
C SER F 54 -5.54 -16.28 31.19
N GLY F 55 -6.73 -15.69 31.19
CA GLY F 55 -7.59 -15.78 32.34
C GLY F 55 -7.95 -14.39 32.84
N ALA F 56 -7.63 -13.39 32.03
CA ALA F 56 -7.94 -12.01 32.38
C ALA F 56 -9.27 -11.56 31.79
N SER F 57 -9.47 -11.76 30.50
CA SER F 57 -10.67 -11.29 29.83
C SER F 57 -11.76 -12.34 30.01
N ILE F 58 -12.83 -11.96 30.71
CA ILE F 58 -13.95 -12.83 31.04
C ILE F 58 -15.22 -12.11 30.61
N SER F 59 -16.13 -12.81 29.94
CA SER F 59 -17.38 -12.19 29.55
C SER F 59 -18.53 -13.15 29.78
N TYR F 60 -19.73 -12.60 29.92
CA TYR F 60 -20.92 -13.40 30.19
C TYR F 60 -22.08 -12.96 29.30
N THR F 61 -23.08 -13.83 29.22
CA THR F 61 -24.37 -13.48 28.67
C THR F 61 -25.12 -12.64 29.70
N GLY F 62 -25.99 -11.75 29.22
CA GLY F 62 -26.74 -10.88 30.11
C GLY F 62 -27.62 -11.62 31.10
N SER F 63 -28.24 -12.71 30.66
CA SER F 63 -29.14 -13.44 31.56
C SER F 63 -28.41 -14.19 32.66
N VAL F 64 -27.13 -14.50 32.50
CA VAL F 64 -26.39 -15.27 33.49
C VAL F 64 -25.41 -14.40 34.27
N LYS F 65 -25.63 -13.09 34.31
CA LYS F 65 -24.73 -12.18 35.03
C LYS F 65 -24.80 -12.42 36.53
N GLY F 66 -23.63 -12.54 37.16
CA GLY F 66 -23.55 -12.61 38.60
C GLY F 66 -23.91 -13.94 39.23
N ARG F 67 -24.32 -14.93 38.45
CA ARG F 67 -24.60 -16.25 38.98
C ARG F 67 -23.60 -17.30 38.56
N PHE F 68 -22.92 -17.13 37.43
CA PHE F 68 -22.00 -18.14 36.91
C PHE F 68 -20.57 -17.61 36.99
N THR F 69 -19.67 -18.46 37.46
CA THR F 69 -18.25 -18.15 37.54
C THR F 69 -17.47 -19.11 36.65
N ILE F 70 -16.64 -18.56 35.77
CA ILE F 70 -15.83 -19.33 34.84
C ILE F 70 -14.36 -19.16 35.18
N SER F 71 -13.65 -20.26 35.43
CA SER F 71 -12.24 -20.18 35.77
C SER F 71 -11.47 -21.28 35.05
N ARG F 72 -10.28 -20.94 34.55
CA ARG F 72 -9.46 -21.90 33.82
C ARG F 72 -8.06 -22.01 34.44
N ASP F 73 -7.59 -23.25 34.59
CA ASP F 73 -6.23 -23.53 35.02
C ASP F 73 -5.48 -24.10 33.84
N ASN F 74 -4.24 -23.67 33.66
CA ASN F 74 -3.44 -24.17 32.55
C ASN F 74 -2.84 -25.53 32.87
N ALA F 75 -2.43 -25.75 34.12
CA ALA F 75 -1.68 -26.96 34.46
C ALA F 75 -2.57 -28.19 34.42
N LYS F 76 -3.76 -28.13 35.02
CA LYS F 76 -4.72 -29.22 34.95
C LYS F 76 -5.57 -29.15 33.70
N ASN F 77 -5.21 -28.26 32.77
CA ASN F 77 -5.79 -27.90 31.47
C ASN F 77 -7.31 -28.03 31.40
N THR F 78 -8.00 -27.51 32.40
CA THR F 78 -9.43 -27.73 32.54
C THR F 78 -10.16 -26.41 32.52
N LEU F 79 -11.28 -26.40 31.81
CA LEU F 79 -12.19 -25.26 31.79
C LEU F 79 -13.24 -25.55 32.85
N TYR F 80 -13.28 -24.72 33.88
CA TYR F 80 -14.09 -24.98 35.06
C TYR F 80 -15.18 -23.92 35.15
N LEU F 81 -16.42 -24.36 35.29
CA LEU F 81 -17.56 -23.47 35.38
C LEU F 81 -18.26 -23.69 36.72
N GLN F 82 -18.49 -22.61 37.45
CA GLN F 82 -19.14 -22.67 38.74
C GLN F 82 -20.47 -21.97 38.60
N MET F 83 -21.56 -22.66 38.94
CA MET F 83 -22.89 -22.11 38.81
C MET F 83 -23.50 -22.00 40.19
N ASN F 84 -24.13 -20.87 40.47
CA ASN F 84 -24.71 -20.63 41.79
C ASN F 84 -26.09 -20.04 41.62
N SER F 85 -27.01 -20.47 42.50
CA SER F 85 -28.39 -19.99 42.59
C SER F 85 -29.15 -20.18 41.28
N LEU F 86 -29.34 -21.46 40.96
CA LEU F 86 -29.93 -21.87 39.69
C LEU F 86 -31.43 -21.59 39.66
N LYS F 87 -31.97 -21.68 38.45
CA LYS F 87 -33.33 -21.32 38.09
C LYS F 87 -33.90 -22.39 37.16
N PRO F 88 -35.16 -22.79 37.34
CA PRO F 88 -35.69 -23.91 36.54
C PRO F 88 -35.85 -23.61 35.06
N GLU F 89 -36.14 -22.38 34.67
CA GLU F 89 -36.31 -22.10 33.25
C GLU F 89 -34.99 -22.06 32.48
N ASP F 90 -33.87 -21.94 33.19
CA ASP F 90 -32.56 -21.90 32.56
C ASP F 90 -31.87 -23.25 32.61
N THR F 91 -32.64 -24.32 32.47
CA THR F 91 -32.08 -25.66 32.37
C THR F 91 -31.81 -25.99 30.91
N ALA F 92 -30.69 -26.67 30.65
CA ALA F 92 -30.20 -26.88 29.29
C ALA F 92 -29.08 -27.90 29.31
N VAL F 93 -28.71 -28.36 28.13
CA VAL F 93 -27.46 -29.09 27.94
C VAL F 93 -26.35 -28.07 27.83
N TYR F 94 -25.20 -28.34 28.46
CA TYR F 94 -24.07 -27.41 28.47
C TYR F 94 -22.89 -28.00 27.71
N TYR F 95 -22.47 -27.34 26.65
CA TYR F 95 -21.39 -27.80 25.77
C TYR F 95 -20.15 -26.98 26.02
N CYS F 96 -19.05 -27.63 26.36
CA CYS F 96 -17.75 -26.97 26.33
C CYS F 96 -17.33 -26.79 24.89
N ALA F 97 -16.73 -25.65 24.58
CA ALA F 97 -16.38 -25.35 23.19
C ALA F 97 -15.04 -24.64 23.14
N ARG F 98 -14.43 -24.63 21.96
CA ARG F 98 -13.15 -23.99 21.73
C ARG F 98 -13.25 -23.14 20.48
N CYS F 99 -12.78 -21.89 20.59
CA CYS F 99 -12.70 -21.05 19.42
C CYS F 99 -11.58 -21.56 18.49
N PRO F 100 -11.78 -21.53 17.17
CA PRO F 100 -11.05 -22.45 16.29
C PRO F 100 -9.59 -22.11 16.04
N ALA F 101 -9.11 -20.93 16.40
CA ALA F 101 -7.74 -20.61 16.05
C ALA F 101 -6.94 -20.20 17.28
N PRO F 102 -5.63 -20.45 17.29
CA PRO F 102 -4.80 -19.95 18.38
C PRO F 102 -4.63 -18.44 18.32
N PHE F 103 -4.37 -17.85 19.49
CA PHE F 103 -3.85 -16.49 19.65
C PHE F 103 -4.76 -15.41 19.07
N THR F 104 -6.05 -15.66 18.94
CA THR F 104 -6.95 -14.69 18.34
C THR F 104 -8.04 -14.32 19.32
N ARG F 105 -8.88 -13.36 18.92
CA ARG F 105 -9.96 -12.90 19.77
C ARG F 105 -11.34 -13.31 19.27
N ASP F 106 -11.52 -13.43 17.96
CA ASP F 106 -12.83 -13.72 17.39
C ASP F 106 -13.18 -15.21 17.49
N CYS F 107 -14.50 -15.49 17.43
CA CYS F 107 -15.03 -16.83 17.57
C CYS F 107 -16.27 -16.98 16.68
N PHE F 108 -16.50 -18.20 16.20
CA PHE F 108 -17.62 -18.47 15.29
C PHE F 108 -18.30 -19.80 15.61
N ASP F 109 -18.58 -20.06 16.89
CA ASP F 109 -18.93 -21.41 17.35
C ASP F 109 -20.35 -21.53 17.90
N VAL F 110 -21.24 -20.59 17.60
CA VAL F 110 -22.63 -20.73 18.04
C VAL F 110 -23.41 -21.67 17.12
N THR F 111 -22.78 -22.12 16.03
CA THR F 111 -23.49 -22.75 14.94
C THR F 111 -23.96 -24.15 15.29
N SER F 112 -25.28 -24.35 15.18
CA SER F 112 -25.91 -25.63 15.50
C SER F 112 -25.56 -26.71 14.49
N THR F 113 -25.15 -26.35 13.27
CA THR F 113 -24.87 -27.35 12.24
C THR F 113 -23.44 -27.88 12.39
N THR F 114 -23.18 -28.47 13.55
CA THR F 114 -22.01 -29.29 13.86
C THR F 114 -20.71 -28.49 13.70
N TYR F 115 -20.54 -27.53 14.60
CA TYR F 115 -19.22 -26.96 14.82
C TYR F 115 -18.26 -28.06 15.24
N ALA F 116 -17.05 -28.02 14.69
CA ALA F 116 -16.19 -29.18 14.69
C ALA F 116 -15.51 -29.45 16.02
N TYR F 117 -15.51 -28.51 16.97
CA TYR F 117 -14.65 -28.66 18.14
C TYR F 117 -15.37 -28.54 19.47
N ARG F 118 -16.69 -28.45 19.49
CA ARG F 118 -17.36 -28.43 20.78
C ARG F 118 -17.43 -29.83 21.37
N GLY F 119 -17.74 -29.90 22.66
CA GLY F 119 -17.95 -31.16 23.32
C GLY F 119 -19.33 -31.70 23.05
N GLN F 120 -19.61 -32.86 23.64
CA GLN F 120 -20.90 -33.49 23.44
C GLN F 120 -21.94 -33.11 24.47
N GLY F 121 -21.52 -32.52 25.59
CA GLY F 121 -22.47 -31.88 26.48
C GLY F 121 -22.94 -32.79 27.61
N THR F 122 -23.52 -32.14 28.62
CA THR F 122 -24.17 -32.82 29.73
C THR F 122 -25.54 -32.20 29.93
N GLN F 123 -26.57 -33.03 30.08
CA GLN F 123 -27.87 -32.54 30.49
C GLN F 123 -27.76 -32.02 31.92
N VAL F 124 -28.34 -30.85 32.17
CA VAL F 124 -28.38 -30.24 33.50
C VAL F 124 -29.83 -29.90 33.79
N THR F 125 -30.42 -30.60 34.74
CA THR F 125 -31.82 -30.48 35.07
C THR F 125 -31.97 -29.71 36.38
N VAL F 126 -32.83 -28.72 36.40
CA VAL F 126 -33.09 -27.99 37.63
C VAL F 126 -34.48 -28.34 38.14
#